data_1FEZ
#
_entry.id   1FEZ
#
_cell.length_a   210.478
_cell.length_b   45.778
_cell.length_c   130.273
_cell.angle_alpha   90.00
_cell.angle_beta   104.97
_cell.angle_gamma   90.00
#
_symmetry.space_group_name_H-M   'C 1 2 1'
#
loop_
_entity.id
_entity.type
_entity.pdbx_description
1 polymer 'PHOSPHONOACETALDEHYDE HYDROLASE'
2 non-polymer 'MAGNESIUM ION'
3 non-polymer TUNGSTATE(VI)ION
4 water water
#
_entity_poly.entity_id   1
_entity_poly.type   'polypeptide(L)'
_entity_poly.pdbx_seq_one_letter_code
;KIEAVIFDWAGTTVDYGCFAPLEVFMEIFHKRGVAITAEEARKPMGLLKIDHVRALTEMPRIASEWNRVFRQLPTEADIQ
EMYEEFEEILFAILPRYASPINAVKEVIASLRERGIKIGSTTGYTREMMDIVAKEAALQGYKPDFLVTPDDVPAGRPYPW
MCYKNAMELGVYPMNHMIKVGDTVSDMKEGRNAGMWTVGVILGSSELGLTEEEVENMDSVELREKIEVVRNRFVENGAHF
TIETMQELESVMEHIE
;
_entity_poly.pdbx_strand_id   A,B,C,D
#
# COMPACT_ATOMS: atom_id res chain seq x y z
N LYS A 1 24.14 12.24 13.43
CA LYS A 1 24.69 12.61 14.77
C LYS A 1 23.59 13.22 15.65
N ILE A 2 23.47 12.80 16.92
CA ILE A 2 22.40 13.35 17.78
C ILE A 2 22.89 14.42 18.76
N GLU A 3 22.52 15.65 18.48
CA GLU A 3 22.91 16.81 19.27
C GLU A 3 21.95 17.27 20.38
N ALA A 4 20.65 17.11 20.19
CA ALA A 4 19.72 17.57 21.22
C ALA A 4 18.57 16.61 21.44
N VAL A 5 17.89 16.72 22.58
CA VAL A 5 16.75 15.87 22.91
C VAL A 5 15.69 16.75 23.55
N ILE A 6 14.57 16.94 22.88
CA ILE A 6 13.49 17.74 23.41
C ILE A 6 12.59 16.81 24.20
N PHE A 7 12.53 16.99 25.51
CA PHE A 7 11.71 16.14 26.37
C PHE A 7 10.34 16.72 26.63
N ASP A 8 9.32 15.86 26.72
CA ASP A 8 7.99 16.36 27.01
C ASP A 8 7.94 16.45 28.53
N TRP A 9 6.98 17.18 29.08
CA TRP A 9 6.88 17.30 30.52
C TRP A 9 6.04 16.19 31.17
N ALA A 10 4.77 16.48 31.44
CA ALA A 10 3.84 15.53 32.06
C ALA A 10 3.81 14.22 31.29
N GLY A 11 4.07 13.12 31.99
CA GLY A 11 4.07 11.83 31.34
C GLY A 11 5.44 11.37 30.88
N THR A 12 6.33 12.30 30.56
CA THR A 12 7.65 11.92 30.10
C THR A 12 8.67 12.14 31.19
N THR A 13 8.62 13.30 31.82
CA THR A 13 9.59 13.57 32.86
C THR A 13 8.99 13.77 34.27
N VAL A 14 7.72 14.13 34.34
CA VAL A 14 7.02 14.35 35.61
C VAL A 14 5.61 13.84 35.48
N ASP A 15 4.95 13.65 36.62
CA ASP A 15 3.55 13.20 36.65
C ASP A 15 3.37 11.87 35.94
N TYR A 16 4.00 10.83 36.49
CA TYR A 16 3.92 9.50 35.92
C TYR A 16 2.45 9.12 35.73
N GLY A 17 2.06 8.87 34.48
CA GLY A 17 0.69 8.50 34.17
C GLY A 17 -0.15 9.69 33.76
N CYS A 18 0.39 10.88 33.95
CA CYS A 18 -0.31 12.09 33.60
C CYS A 18 -1.68 12.10 34.25
N PHE A 19 -1.73 12.32 35.56
CA PHE A 19 -3.00 12.35 36.25
C PHE A 19 -3.34 13.71 36.82
N ALA A 20 -2.47 14.69 36.61
CA ALA A 20 -2.74 16.02 37.13
C ALA A 20 -4.16 16.46 36.76
N PRO A 21 -4.46 16.58 35.45
CA PRO A 21 -5.77 17.01 34.97
C PRO A 21 -6.90 16.04 35.23
N LEU A 22 -6.68 14.75 34.94
CA LEU A 22 -7.71 13.72 35.12
C LEU A 22 -8.54 13.88 36.40
N GLU A 23 -7.88 14.28 37.48
CA GLU A 23 -8.55 14.47 38.75
C GLU A 23 -9.34 15.77 38.82
N VAL A 24 -8.80 16.83 38.22
CA VAL A 24 -9.47 18.12 38.21
C VAL A 24 -10.80 18.05 37.49
N PHE A 25 -10.80 17.46 36.29
CA PHE A 25 -12.03 17.31 35.52
C PHE A 25 -13.05 16.49 36.31
N MET A 26 -12.64 15.30 36.73
CA MET A 26 -13.54 14.48 37.51
C MET A 26 -14.04 15.32 38.66
N GLU A 27 -13.24 16.30 39.08
CA GLU A 27 -13.64 17.13 40.20
C GLU A 27 -14.64 18.21 39.86
N ILE A 28 -14.38 18.99 38.82
CA ILE A 28 -15.32 20.05 38.45
C ILE A 28 -16.72 19.50 38.13
N PHE A 29 -16.81 18.37 37.41
CA PHE A 29 -18.11 17.81 37.08
C PHE A 29 -18.85 17.26 38.28
N HIS A 30 -18.11 16.67 39.21
CA HIS A 30 -18.68 16.11 40.43
C HIS A 30 -19.55 17.15 41.11
N LYS A 31 -18.99 18.35 41.23
CA LYS A 31 -19.67 19.49 41.83
C LYS A 31 -21.07 19.62 41.26
N ARG A 32 -21.15 19.81 39.94
CA ARG A 32 -22.41 19.97 39.24
C ARG A 32 -23.18 18.66 39.07
N GLY A 33 -23.31 17.90 40.15
CA GLY A 33 -24.05 16.66 40.11
C GLY A 33 -23.91 15.78 38.88
N VAL A 34 -22.83 15.96 38.13
CA VAL A 34 -22.61 15.16 36.94
C VAL A 34 -21.35 14.32 37.09
N ALA A 35 -21.53 13.09 37.54
CA ALA A 35 -20.44 12.15 37.74
C ALA A 35 -19.89 11.58 36.44
N ILE A 36 -18.58 11.75 36.25
CA ILE A 36 -17.91 11.22 35.07
C ILE A 36 -16.76 10.35 35.57
N THR A 37 -16.36 9.37 34.77
CA THR A 37 -15.27 8.46 35.15
C THR A 37 -13.89 8.80 34.56
N ALA A 38 -12.89 8.00 34.95
CA ALA A 38 -11.51 8.17 34.53
C ALA A 38 -11.26 7.94 33.04
N GLU A 39 -11.96 7.01 32.43
CA GLU A 39 -11.76 6.80 31.01
C GLU A 39 -12.52 7.87 30.24
N GLU A 40 -13.81 8.02 30.51
CA GLU A 40 -14.60 9.02 29.80
C GLU A 40 -14.17 10.44 30.13
N ALA A 41 -13.01 10.55 30.77
CA ALA A 41 -12.43 11.84 31.12
C ALA A 41 -11.11 11.85 30.36
N ARG A 42 -10.41 10.73 30.47
CA ARG A 42 -9.14 10.51 29.79
C ARG A 42 -9.44 10.52 28.29
N LYS A 43 -10.42 9.70 27.93
CA LYS A 43 -10.92 9.50 26.58
C LYS A 43 -10.83 10.66 25.56
N PRO A 44 -11.29 11.87 25.94
CA PRO A 44 -11.20 12.99 24.99
C PRO A 44 -9.80 13.62 25.02
N MET A 45 -8.80 12.75 25.12
CA MET A 45 -7.37 13.09 25.19
C MET A 45 -6.87 14.42 24.62
N GLY A 46 -5.77 14.91 25.20
CA GLY A 46 -5.12 16.14 24.77
C GLY A 46 -5.94 17.42 24.65
N LEU A 47 -6.05 17.92 23.41
CA LEU A 47 -6.77 19.16 23.11
C LEU A 47 -6.40 20.30 24.09
N LEU A 48 -6.98 21.48 23.85
CA LEU A 48 -6.71 22.62 24.73
C LEU A 48 -7.64 22.49 25.93
N LYS A 49 -7.07 22.48 27.13
CA LYS A 49 -7.86 22.33 28.34
C LYS A 49 -9.27 22.92 28.27
N ILE A 50 -9.45 23.99 27.51
CA ILE A 50 -10.76 24.60 27.37
C ILE A 50 -11.66 23.70 26.54
N ASP A 51 -11.20 23.40 25.34
CA ASP A 51 -11.94 22.55 24.40
C ASP A 51 -12.07 21.11 24.88
N HIS A 52 -11.48 20.81 26.03
CA HIS A 52 -11.59 19.47 26.57
C HIS A 52 -12.90 19.41 27.33
N VAL A 53 -13.13 20.41 28.17
CA VAL A 53 -14.36 20.44 28.92
C VAL A 53 -15.45 20.34 27.86
N ARG A 54 -15.26 21.10 26.78
CA ARG A 54 -16.18 21.13 25.64
C ARG A 54 -16.44 19.72 25.11
N ALA A 55 -15.38 18.95 24.92
CA ALA A 55 -15.51 17.59 24.45
C ALA A 55 -16.34 16.81 25.47
N LEU A 56 -15.84 16.74 26.69
CA LEU A 56 -16.52 16.04 27.77
C LEU A 56 -18.00 16.43 27.89
N THR A 57 -18.32 17.62 27.42
CA THR A 57 -19.68 18.11 27.47
C THR A 57 -20.56 17.37 26.46
N GLU A 58 -19.93 16.89 25.38
CA GLU A 58 -20.63 16.18 24.32
C GLU A 58 -20.65 14.67 24.44
N MET A 59 -20.03 14.15 25.51
CA MET A 59 -20.03 12.70 25.71
C MET A 59 -21.47 12.35 25.93
N PRO A 60 -22.07 11.61 25.00
CA PRO A 60 -23.48 11.20 25.09
C PRO A 60 -23.95 11.00 26.53
N ARG A 61 -23.29 10.08 27.22
CA ARG A 61 -23.60 9.76 28.61
C ARG A 61 -23.49 10.98 29.53
N ILE A 62 -22.57 11.88 29.24
CA ILE A 62 -22.39 13.09 30.04
C ILE A 62 -23.44 14.13 29.69
N ALA A 63 -23.75 14.28 28.41
CA ALA A 63 -24.73 15.27 28.01
C ALA A 63 -26.11 14.81 28.43
N SER A 64 -26.26 13.52 28.71
CA SER A 64 -27.53 12.97 29.16
C SER A 64 -27.73 13.16 30.67
N GLU A 65 -26.70 12.88 31.46
CA GLU A 65 -26.82 13.07 32.91
C GLU A 65 -26.87 14.54 33.25
N TRP A 66 -26.22 15.35 32.42
CA TRP A 66 -26.20 16.78 32.63
C TRP A 66 -27.62 17.32 32.50
N ASN A 67 -28.27 16.97 31.41
CA ASN A 67 -29.63 17.42 31.14
C ASN A 67 -30.62 16.85 32.14
N ARG A 68 -30.22 15.78 32.82
CA ARG A 68 -31.07 15.15 33.82
C ARG A 68 -31.00 16.03 35.05
N VAL A 69 -29.89 16.75 35.18
CA VAL A 69 -29.67 17.63 36.32
C VAL A 69 -30.20 19.03 36.12
N PHE A 70 -29.52 19.80 35.28
CA PHE A 70 -29.90 21.19 35.02
C PHE A 70 -31.07 21.39 34.06
N ARG A 71 -31.52 20.31 33.46
CA ARG A 71 -32.64 20.36 32.53
C ARG A 71 -32.37 21.34 31.39
N GLN A 72 -31.23 21.21 30.70
CA GLN A 72 -30.91 22.13 29.61
C GLN A 72 -29.90 21.64 28.59
N LEU A 73 -28.69 21.38 29.07
CA LEU A 73 -27.53 20.96 28.28
C LEU A 73 -26.52 22.11 28.39
N PRO A 74 -25.25 21.79 28.66
CA PRO A 74 -24.15 22.75 28.81
C PRO A 74 -24.16 23.88 27.79
N THR A 75 -23.77 25.07 28.24
CA THR A 75 -23.74 26.24 27.37
C THR A 75 -22.39 26.94 27.42
N GLU A 76 -22.21 27.95 26.59
CA GLU A 76 -20.95 28.70 26.52
C GLU A 76 -20.60 29.27 27.89
N ALA A 77 -21.61 29.49 28.72
CA ALA A 77 -21.38 30.00 30.06
C ALA A 77 -20.72 28.89 30.84
N ASP A 78 -21.46 27.79 31.03
CA ASP A 78 -20.99 26.62 31.77
C ASP A 78 -19.56 26.20 31.43
N ILE A 79 -19.21 26.22 30.14
CA ILE A 79 -17.87 25.86 29.70
C ILE A 79 -16.85 26.76 30.37
N GLN A 80 -17.09 28.07 30.24
CA GLN A 80 -16.24 29.09 30.82
C GLN A 80 -16.14 28.82 32.30
N GLU A 81 -17.29 28.85 32.97
CA GLU A 81 -17.32 28.60 34.41
C GLU A 81 -16.49 27.40 34.75
N MET A 82 -16.55 26.37 33.90
CA MET A 82 -15.79 25.15 34.16
C MET A 82 -14.29 25.28 33.92
N TYR A 83 -13.89 25.82 32.77
CA TYR A 83 -12.47 25.98 32.48
C TYR A 83 -11.86 26.98 33.46
N GLU A 84 -12.72 27.75 34.11
CA GLU A 84 -12.22 28.71 35.07
C GLU A 84 -12.09 27.98 36.40
N GLU A 85 -13.14 27.31 36.85
CA GLU A 85 -13.07 26.57 38.11
C GLU A 85 -12.20 25.35 37.88
N PHE A 86 -11.31 25.45 36.89
CA PHE A 86 -10.40 24.37 36.54
C PHE A 86 -9.02 24.83 36.95
N GLU A 87 -8.50 25.82 36.22
CA GLU A 87 -7.18 26.38 36.47
C GLU A 87 -6.84 26.55 37.96
N GLU A 88 -7.68 27.28 38.69
CA GLU A 88 -7.44 27.51 40.11
C GLU A 88 -7.19 26.19 40.86
N ILE A 89 -7.99 25.19 40.56
CA ILE A 89 -7.86 23.87 41.18
C ILE A 89 -6.57 23.19 40.76
N LEU A 90 -6.12 23.49 39.54
CA LEU A 90 -4.90 22.91 39.03
C LEU A 90 -3.72 23.58 39.72
N PHE A 91 -3.65 24.90 39.60
CA PHE A 91 -2.56 25.67 40.19
C PHE A 91 -2.37 25.23 41.63
N ALA A 92 -3.49 24.96 42.29
CA ALA A 92 -3.49 24.57 43.69
C ALA A 92 -2.94 23.18 43.97
N ILE A 93 -3.09 22.25 43.02
CA ILE A 93 -2.63 20.89 43.26
C ILE A 93 -1.60 20.40 42.28
N LEU A 94 -1.12 21.30 41.43
CA LEU A 94 -0.15 20.94 40.41
C LEU A 94 1.25 20.54 40.93
N PRO A 95 1.73 21.16 42.01
CA PRO A 95 3.05 20.78 42.50
C PRO A 95 3.14 19.33 42.94
N ARG A 96 2.02 18.74 43.35
CA ARG A 96 2.02 17.35 43.78
C ARG A 96 2.40 16.44 42.60
N TYR A 97 2.33 16.99 41.39
CA TYR A 97 2.61 16.20 40.21
C TYR A 97 3.83 16.65 39.42
N ALA A 98 4.65 17.49 40.02
CA ALA A 98 5.85 17.93 39.31
C ALA A 98 7.08 17.19 39.86
N SER A 99 6.87 15.96 40.31
CA SER A 99 7.95 15.14 40.85
C SER A 99 8.52 14.27 39.74
N PRO A 100 9.80 14.46 39.41
CA PRO A 100 10.48 13.69 38.35
C PRO A 100 10.37 12.17 38.47
N ILE A 101 9.99 11.57 37.35
CA ILE A 101 9.80 10.13 37.26
C ILE A 101 11.09 9.39 37.53
N ASN A 102 10.98 8.33 38.33
CA ASN A 102 12.14 7.50 38.67
C ASN A 102 12.72 7.05 37.35
N ALA A 103 13.94 7.47 37.06
CA ALA A 103 14.64 7.10 35.82
C ALA A 103 15.22 8.31 35.09
N VAL A 104 14.34 9.25 34.76
CA VAL A 104 14.71 10.43 34.01
C VAL A 104 15.81 11.29 34.59
N LYS A 105 15.83 11.47 35.90
CA LYS A 105 16.89 12.29 36.50
C LYS A 105 18.24 11.69 36.12
N GLU A 106 18.40 10.41 36.45
CA GLU A 106 19.62 9.64 36.18
C GLU A 106 20.02 9.56 34.72
N VAL A 107 19.08 9.79 33.80
CA VAL A 107 19.36 9.71 32.36
C VAL A 107 19.79 11.04 31.76
N ILE A 108 19.18 12.12 32.22
CA ILE A 108 19.53 13.44 31.71
C ILE A 108 21.00 13.68 31.99
N ALA A 109 21.44 13.27 33.17
CA ALA A 109 22.82 13.43 33.59
C ALA A 109 23.77 12.82 32.58
N SER A 110 23.39 11.65 32.07
CA SER A 110 24.16 10.90 31.11
C SER A 110 24.24 11.53 29.72
N LEU A 111 23.17 12.19 29.30
CA LEU A 111 23.18 12.86 28.00
C LEU A 111 24.07 14.07 28.20
N ARG A 112 23.85 14.73 29.35
CA ARG A 112 24.59 15.92 29.75
C ARG A 112 26.09 15.64 29.70
N GLU A 113 26.49 14.47 30.20
CA GLU A 113 27.90 14.10 30.20
C GLU A 113 28.42 14.05 28.76
N ARG A 114 27.53 13.69 27.82
CA ARG A 114 27.90 13.59 26.42
C ARG A 114 27.83 14.92 25.65
N GLY A 115 27.37 15.97 26.32
CA GLY A 115 27.28 17.28 25.71
C GLY A 115 26.04 17.46 24.86
N ILE A 116 24.95 16.82 25.26
CA ILE A 116 23.72 16.94 24.50
C ILE A 116 22.79 17.96 25.15
N LYS A 117 22.53 19.08 24.46
CA LYS A 117 21.67 20.11 25.03
C LYS A 117 20.25 19.58 25.26
N ILE A 118 19.72 19.77 26.46
CA ILE A 118 18.38 19.30 26.79
C ILE A 118 17.33 20.39 26.65
N GLY A 119 16.25 20.09 25.93
CA GLY A 119 15.19 21.07 25.74
C GLY A 119 13.87 20.46 26.14
N SER A 120 12.76 21.13 25.85
CA SER A 120 11.44 20.61 26.16
C SER A 120 10.33 21.51 25.63
N THR A 121 9.17 20.91 25.38
CA THR A 121 8.00 21.64 24.92
C THR A 121 6.89 21.15 25.82
N THR A 122 5.68 21.63 25.67
CA THR A 122 4.62 21.21 26.55
C THR A 122 3.25 21.69 26.09
N GLY A 123 2.24 21.48 26.94
CA GLY A 123 0.88 21.91 26.67
C GLY A 123 0.48 22.83 27.79
N TYR A 124 0.99 22.56 28.99
CA TYR A 124 0.71 23.38 30.16
C TYR A 124 1.06 24.80 29.72
N THR A 125 0.23 25.75 30.14
CA THR A 125 0.41 27.16 29.82
C THR A 125 1.51 27.74 30.70
N ARG A 126 2.12 28.82 30.25
CA ARG A 126 3.18 29.47 31.00
C ARG A 126 2.75 29.69 32.43
N GLU A 127 1.48 30.06 32.61
CA GLU A 127 0.96 30.28 33.95
C GLU A 127 1.19 29.03 34.80
N MET A 128 1.06 27.86 34.19
CA MET A 128 1.23 26.58 34.88
C MET A 128 2.65 26.01 34.85
N MET A 129 3.28 26.05 33.67
CA MET A 129 4.63 25.52 33.53
C MET A 129 5.55 26.16 34.53
N ASP A 130 5.34 27.44 34.77
CA ASP A 130 6.15 28.17 35.72
C ASP A 130 6.08 27.51 37.09
N ILE A 131 4.90 27.02 37.46
CA ILE A 131 4.70 26.34 38.74
C ILE A 131 5.33 24.97 38.68
N VAL A 132 4.85 24.17 37.74
CA VAL A 132 5.34 22.81 37.57
C VAL A 132 6.86 22.83 37.53
N ALA A 133 7.40 23.67 36.65
CA ALA A 133 8.84 23.78 36.51
C ALA A 133 9.51 24.05 37.85
N LYS A 134 9.22 25.19 38.46
CA LYS A 134 9.80 25.60 39.74
C LYS A 134 9.92 24.42 40.71
N GLU A 135 8.87 23.59 40.78
CA GLU A 135 8.93 22.45 41.67
C GLU A 135 9.96 21.49 41.12
N ALA A 136 9.80 21.13 39.85
CA ALA A 136 10.70 20.21 39.17
C ALA A 136 12.17 20.54 39.39
N ALA A 137 12.51 21.82 39.28
CA ALA A 137 13.88 22.23 39.49
C ALA A 137 14.24 21.85 40.92
N LEU A 138 13.43 22.30 41.85
CA LEU A 138 13.63 22.01 43.26
C LEU A 138 13.87 20.52 43.53
N GLN A 139 13.52 19.68 42.57
CA GLN A 139 13.70 18.24 42.72
C GLN A 139 14.67 17.65 41.69
N GLY A 140 15.74 18.39 41.42
CA GLY A 140 16.78 17.92 40.53
C GLY A 140 16.52 17.65 39.06
N TYR A 141 15.60 18.40 38.44
CA TYR A 141 15.34 18.22 37.02
C TYR A 141 15.09 19.57 36.36
N LYS A 142 15.90 19.93 35.39
CA LYS A 142 15.74 21.23 34.77
C LYS A 142 16.37 21.35 33.38
N PRO A 143 15.59 21.12 32.34
CA PRO A 143 16.09 21.21 30.96
C PRO A 143 16.76 22.53 30.70
N ASP A 144 17.63 22.54 29.68
CA ASP A 144 18.39 23.71 29.29
C ASP A 144 17.49 24.82 28.76
N PHE A 145 16.35 24.46 28.22
CA PHE A 145 15.43 25.46 27.73
C PHE A 145 14.01 24.95 27.84
N LEU A 146 13.08 25.90 27.95
CA LEU A 146 11.66 25.59 28.09
C LEU A 146 10.87 26.42 27.08
N VAL A 147 9.69 25.93 26.71
CA VAL A 147 8.83 26.63 25.76
C VAL A 147 7.41 26.21 25.98
N THR A 148 6.52 27.20 25.99
CA THR A 148 5.12 26.93 26.16
C THR A 148 4.36 27.41 24.94
N PRO A 149 3.19 26.82 24.66
CA PRO A 149 2.34 27.18 23.52
C PRO A 149 2.18 28.69 23.42
N ASP A 150 2.47 29.38 24.52
CA ASP A 150 2.38 30.83 24.58
C ASP A 150 3.60 31.50 23.98
N ASP A 151 4.73 30.82 24.02
CA ASP A 151 5.94 31.40 23.49
C ASP A 151 5.80 31.57 21.99
N VAL A 152 4.86 30.84 21.40
CA VAL A 152 4.62 30.85 19.95
C VAL A 152 3.15 30.96 19.55
N PRO A 153 2.88 31.19 18.25
CA PRO A 153 1.49 31.30 17.81
C PRO A 153 0.62 30.06 18.06
N ALA A 154 0.47 29.20 17.05
CA ALA A 154 -0.33 28.01 17.22
C ALA A 154 0.20 27.11 18.33
N GLY A 155 -0.67 26.25 18.83
CA GLY A 155 -0.32 25.32 19.89
C GLY A 155 0.63 24.17 19.59
N ARG A 156 0.25 22.98 20.03
CA ARG A 156 1.10 21.80 19.89
C ARG A 156 1.29 21.02 18.60
N PRO A 157 0.22 20.48 17.99
CA PRO A 157 0.47 19.70 16.76
C PRO A 157 1.50 20.24 15.77
N TYR A 158 1.74 21.55 15.78
CA TYR A 158 2.72 22.22 14.89
C TYR A 158 4.16 22.08 15.39
N PRO A 159 5.14 22.38 14.53
CA PRO A 159 6.54 22.26 14.95
C PRO A 159 7.14 23.49 15.62
N TRP A 160 6.34 24.55 15.70
CA TRP A 160 6.80 25.82 16.27
C TRP A 160 7.55 25.73 17.57
N MET A 161 7.09 24.93 18.52
CA MET A 161 7.83 24.90 19.77
C MET A 161 9.20 24.23 19.69
N CYS A 162 9.40 23.35 18.71
CA CYS A 162 10.68 22.69 18.57
C CYS A 162 11.64 23.59 17.83
N TYR A 163 11.11 24.34 16.89
CA TYR A 163 11.90 25.26 16.08
C TYR A 163 12.49 26.32 16.97
N LYS A 164 11.81 26.60 18.07
CA LYS A 164 12.28 27.62 18.99
C LYS A 164 13.28 27.06 20.00
N ASN A 165 13.21 25.76 20.29
CA ASN A 165 14.16 25.15 21.21
C ASN A 165 15.43 25.08 20.41
N ALA A 166 15.36 24.44 19.25
CA ALA A 166 16.52 24.30 18.35
C ALA A 166 17.27 25.62 18.24
N MET A 167 16.51 26.67 17.96
CA MET A 167 17.04 28.01 17.82
C MET A 167 17.77 28.47 19.06
N GLU A 168 17.27 28.08 20.24
CA GLU A 168 17.86 28.48 21.53
C GLU A 168 18.95 27.57 22.08
N LEU A 169 18.83 26.28 21.84
CA LEU A 169 19.83 25.32 22.31
C LEU A 169 21.01 25.48 21.39
N GLY A 170 20.70 25.79 20.13
CA GLY A 170 21.73 25.96 19.13
C GLY A 170 22.08 24.62 18.50
N VAL A 171 21.17 24.08 17.71
CA VAL A 171 21.38 22.81 17.04
C VAL A 171 20.82 23.01 15.64
N TYR A 172 21.62 22.73 14.60
CA TYR A 172 21.16 22.97 13.25
C TYR A 172 20.03 22.11 12.70
N PRO A 173 20.38 21.01 12.00
CA PRO A 173 19.33 20.16 11.43
C PRO A 173 18.31 19.77 12.47
N MET A 174 17.04 19.80 12.11
CA MET A 174 16.02 19.38 13.06
C MET A 174 16.30 17.90 13.34
N ASN A 175 16.92 17.23 12.36
CA ASN A 175 17.24 15.80 12.51
C ASN A 175 18.51 15.48 13.27
N HIS A 176 18.99 16.42 14.08
CA HIS A 176 20.14 16.17 14.96
C HIS A 176 19.48 16.31 16.31
N MET A 177 18.17 16.08 16.32
CA MET A 177 17.41 16.21 17.53
C MET A 177 16.38 15.12 17.68
N ILE A 178 16.26 14.60 18.89
CA ILE A 178 15.32 13.53 19.22
C ILE A 178 14.23 14.10 20.10
N LYS A 179 12.97 13.89 19.70
CA LYS A 179 11.83 14.37 20.48
C LYS A 179 11.23 13.18 21.23
N VAL A 180 11.13 13.27 22.54
CA VAL A 180 10.59 12.18 23.31
C VAL A 180 9.26 12.58 23.95
N GLY A 181 8.23 11.77 23.74
CA GLY A 181 6.93 12.10 24.29
C GLY A 181 6.10 10.91 24.73
N ASP A 182 4.97 11.20 25.35
CA ASP A 182 4.09 10.17 25.86
C ASP A 182 2.72 10.18 25.21
N THR A 183 2.60 10.83 24.06
CA THR A 183 1.31 10.90 23.40
C THR A 183 1.32 10.81 21.89
N VAL A 184 0.14 10.55 21.34
CA VAL A 184 -0.07 10.44 19.90
C VAL A 184 0.30 11.76 19.26
N SER A 185 -0.29 12.82 19.78
CA SER A 185 -0.03 14.14 19.28
C SER A 185 1.43 14.52 19.48
N ASP A 186 2.06 13.92 20.48
CA ASP A 186 3.45 14.22 20.75
C ASP A 186 4.35 13.78 19.60
N MET A 187 3.93 12.71 18.94
CA MET A 187 4.67 12.16 17.82
C MET A 187 4.59 13.10 16.64
N LYS A 188 3.36 13.54 16.35
CA LYS A 188 3.11 14.47 15.26
C LYS A 188 4.05 15.68 15.34
N GLU A 189 4.12 16.28 16.52
CA GLU A 189 4.97 17.45 16.77
C GLU A 189 6.41 17.23 16.34
N GLY A 190 6.88 16.00 16.54
CA GLY A 190 8.25 15.66 16.18
C GLY A 190 8.42 15.46 14.69
N ARG A 191 7.53 14.67 14.10
CA ARG A 191 7.59 14.42 12.68
C ARG A 191 7.54 15.76 11.99
N ASN A 192 6.50 16.54 12.28
CA ASN A 192 6.39 17.84 11.65
C ASN A 192 7.67 18.67 11.88
N ALA A 193 8.25 18.52 13.05
CA ALA A 193 9.48 19.22 13.37
C ALA A 193 10.58 18.64 12.47
N GLY A 194 10.32 17.45 11.90
CA GLY A 194 11.27 16.80 11.03
C GLY A 194 12.42 16.16 11.79
N MET A 195 12.16 15.78 13.03
CA MET A 195 13.18 15.19 13.87
C MET A 195 12.79 13.78 14.32
N TRP A 196 13.79 12.89 14.46
CA TRP A 196 13.54 11.50 14.86
C TRP A 196 12.61 11.46 16.04
N THR A 197 11.50 10.74 15.90
CA THR A 197 10.52 10.67 16.98
C THR A 197 10.54 9.40 17.82
N VAL A 198 10.53 9.57 19.13
CA VAL A 198 10.54 8.46 20.05
C VAL A 198 9.35 8.51 21.03
N GLY A 199 8.84 7.34 21.37
CA GLY A 199 7.74 7.28 22.29
C GLY A 199 8.03 6.47 23.52
N VAL A 200 7.73 7.04 24.68
CA VAL A 200 7.91 6.38 25.96
C VAL A 200 6.53 5.88 26.40
N ILE A 201 6.47 4.61 26.80
CA ILE A 201 5.22 3.98 27.19
C ILE A 201 4.86 3.96 28.69
N LEU A 202 5.70 3.32 29.51
CA LEU A 202 5.45 3.27 30.96
C LEU A 202 5.76 4.65 31.54
N GLY A 203 4.75 5.49 31.54
CA GLY A 203 4.84 6.86 32.01
C GLY A 203 3.45 7.24 31.57
N SER A 204 2.77 6.16 31.21
CA SER A 204 1.39 6.17 30.76
C SER A 204 0.94 7.26 29.82
N SER A 205 -0.20 7.83 30.22
CA SER A 205 -0.96 8.86 29.52
C SER A 205 -1.72 8.06 28.50
N GLU A 206 -1.02 7.60 27.47
CA GLU A 206 -1.67 6.77 26.46
C GLU A 206 -1.94 5.44 27.15
N LEU A 207 -1.13 5.13 28.17
CA LEU A 207 -1.27 3.90 28.95
C LEU A 207 -2.28 4.10 30.10
N GLY A 208 -2.07 5.09 30.95
CA GLY A 208 -3.01 5.39 32.02
C GLY A 208 -3.03 4.55 33.28
N LEU A 209 -1.86 4.14 33.75
CA LEU A 209 -1.76 3.33 34.96
C LEU A 209 -0.86 4.06 35.95
N THR A 210 -0.70 3.49 37.15
CA THR A 210 0.12 4.05 38.21
C THR A 210 0.88 2.90 38.89
N GLU A 211 1.79 3.22 39.81
CA GLU A 211 2.52 2.16 40.50
C GLU A 211 1.62 1.49 41.53
N GLU A 212 0.84 0.51 41.08
CA GLU A 212 -0.08 -0.23 41.93
C GLU A 212 -1.04 -0.95 41.00
N GLU A 213 -0.64 -0.98 39.74
CA GLU A 213 -1.38 -1.62 38.65
C GLU A 213 -0.38 -1.64 37.49
N VAL A 214 0.89 -1.64 37.88
CA VAL A 214 2.02 -1.67 36.97
C VAL A 214 3.11 -2.33 37.78
N GLU A 215 3.35 -1.73 38.93
CA GLU A 215 4.34 -2.19 39.89
C GLU A 215 3.75 -3.41 40.56
N ASN A 216 2.48 -3.69 40.25
CA ASN A 216 1.79 -4.84 40.81
C ASN A 216 0.64 -5.32 39.92
N MET A 217 0.80 -5.15 38.61
CA MET A 217 -0.22 -5.61 37.67
C MET A 217 0.28 -6.92 37.09
N ASP A 218 -0.63 -7.88 36.95
CA ASP A 218 -0.22 -9.19 36.44
C ASP A 218 0.35 -9.18 35.02
N SER A 219 1.47 -9.88 34.90
CA SER A 219 2.25 -10.02 33.68
C SER A 219 1.50 -10.12 32.36
N VAL A 220 0.75 -11.21 32.19
CA VAL A 220 0.01 -11.42 30.95
C VAL A 220 -0.93 -10.27 30.62
N GLU A 221 -1.40 -9.56 31.65
CA GLU A 221 -2.31 -8.44 31.43
C GLU A 221 -1.56 -7.16 31.12
N LEU A 222 -0.62 -6.79 31.97
CA LEU A 222 0.17 -5.58 31.74
C LEU A 222 0.66 -5.58 30.30
N ARG A 223 1.32 -6.67 29.89
CA ARG A 223 1.83 -6.76 28.53
C ARG A 223 0.74 -6.57 27.47
N GLU A 224 -0.31 -7.39 27.53
CA GLU A 224 -1.38 -7.27 26.57
C GLU A 224 -1.76 -5.79 26.52
N LYS A 225 -1.63 -5.12 27.67
CA LYS A 225 -1.98 -3.72 27.80
C LYS A 225 -0.96 -2.77 27.21
N ILE A 226 0.31 -3.14 27.30
CA ILE A 226 1.39 -2.34 26.77
C ILE A 226 1.36 -2.34 25.25
N GLU A 227 1.44 -3.52 24.65
CA GLU A 227 1.43 -3.66 23.19
C GLU A 227 0.47 -2.70 22.48
N VAL A 228 -0.74 -2.54 23.02
CA VAL A 228 -1.72 -1.67 22.40
C VAL A 228 -1.20 -0.23 22.32
N VAL A 229 -0.54 0.21 23.37
CA VAL A 229 -0.03 1.55 23.38
C VAL A 229 1.09 1.66 22.36
N ARG A 230 1.97 0.65 22.35
CA ARG A 230 3.09 0.60 21.42
C ARG A 230 2.61 0.67 19.98
N ASN A 231 1.47 0.07 19.71
CA ASN A 231 0.94 0.08 18.37
C ASN A 231 0.39 1.43 18.02
N ARG A 232 -0.46 1.97 18.88
CA ARG A 232 -1.04 3.28 18.62
C ARG A 232 0.07 4.25 18.24
N PHE A 233 1.21 4.08 18.89
CA PHE A 233 2.38 4.89 18.65
C PHE A 233 2.86 4.71 17.24
N VAL A 234 3.48 3.55 16.99
CA VAL A 234 4.02 3.21 15.68
C VAL A 234 3.09 3.62 14.54
N GLU A 235 1.79 3.57 14.80
CA GLU A 235 0.83 3.95 13.79
C GLU A 235 0.85 5.45 13.59
N ASN A 236 0.75 6.20 14.67
CA ASN A 236 0.75 7.66 14.55
C ASN A 236 2.05 8.34 14.19
N GLY A 237 3.05 7.57 13.77
CA GLY A 237 4.29 8.19 13.32
C GLY A 237 5.58 8.20 14.10
N ALA A 238 5.74 7.36 15.11
CA ALA A 238 6.99 7.36 15.87
C ALA A 238 8.01 6.41 15.26
N HIS A 239 9.28 6.79 15.30
CA HIS A 239 10.35 5.97 14.76
C HIS A 239 10.68 4.86 15.72
N PHE A 240 10.65 5.16 17.01
CA PHE A 240 10.94 4.16 18.01
C PHE A 240 9.98 4.23 19.18
N THR A 241 10.06 3.21 20.03
CA THR A 241 9.21 3.13 21.19
C THR A 241 10.01 2.44 22.25
N ILE A 242 10.02 3.01 23.45
CA ILE A 242 10.77 2.41 24.54
C ILE A 242 9.88 2.30 25.78
N GLU A 243 9.93 1.18 26.47
CA GLU A 243 9.09 1.02 27.64
C GLU A 243 9.54 1.99 28.72
N THR A 244 10.80 2.39 28.69
CA THR A 244 11.27 3.36 29.68
C THR A 244 12.35 4.27 29.14
N MET A 245 12.52 5.39 29.83
CA MET A 245 13.50 6.40 29.47
C MET A 245 14.90 5.84 29.37
N GLN A 246 15.13 4.67 29.96
CA GLN A 246 16.45 4.06 29.93
C GLN A 246 16.93 3.78 28.51
N GLU A 247 16.13 3.03 27.76
CA GLU A 247 16.48 2.68 26.39
C GLU A 247 16.91 3.88 25.56
N LEU A 248 16.35 5.05 25.87
CA LEU A 248 16.64 6.26 25.12
C LEU A 248 18.03 6.44 24.54
N GLU A 249 19.06 6.00 25.25
CA GLU A 249 20.43 6.14 24.72
C GLU A 249 20.81 5.02 23.75
N SER A 250 20.15 3.88 23.90
CA SER A 250 20.38 2.71 23.04
C SER A 250 19.80 3.07 21.68
N VAL A 251 18.73 3.87 21.71
CA VAL A 251 18.07 4.32 20.50
C VAL A 251 18.88 5.41 19.83
N MET A 252 19.34 6.38 20.62
CA MET A 252 20.15 7.46 20.07
C MET A 252 21.31 6.80 19.37
N GLU A 253 21.75 5.69 19.95
CA GLU A 253 22.89 4.90 19.45
C GLU A 253 22.51 4.19 18.13
N HIS A 254 21.34 3.57 18.11
CA HIS A 254 20.82 2.88 16.94
C HIS A 254 20.66 3.88 15.80
N ILE A 255 20.25 5.10 16.16
CA ILE A 255 20.06 6.15 15.17
C ILE A 255 21.41 6.62 14.61
N GLU A 256 22.51 6.12 15.15
CA GLU A 256 23.81 6.53 14.64
C GLU A 256 24.64 5.34 14.15
N LYS B 1 4.45 19.05 -3.15
CA LYS B 1 5.44 19.75 -2.28
C LYS B 1 5.53 21.25 -2.59
N ILE B 2 6.37 21.95 -1.81
CA ILE B 2 6.59 23.39 -1.97
C ILE B 2 5.36 24.23 -1.64
N GLU B 3 5.37 24.82 -0.46
CA GLU B 3 4.26 25.65 -0.04
C GLU B 3 4.71 27.07 0.20
N ALA B 4 6.03 27.28 0.07
CA ALA B 4 6.63 28.60 0.28
C ALA B 4 8.06 28.78 -0.24
N VAL B 5 8.37 29.97 -0.72
CA VAL B 5 9.72 30.32 -1.19
C VAL B 5 10.25 31.43 -0.25
N ILE B 6 11.55 31.44 0.00
CA ILE B 6 12.17 32.44 0.87
C ILE B 6 13.33 33.16 0.16
N PHE B 7 13.16 34.46 -0.09
CA PHE B 7 14.13 35.28 -0.81
C PHE B 7 15.15 36.14 -0.06
N ASP B 8 16.40 36.09 -0.52
CA ASP B 8 17.48 36.93 0.03
C ASP B 8 17.01 38.31 -0.46
N TRP B 9 17.61 39.40 -0.01
CA TRP B 9 17.16 40.68 -0.52
C TRP B 9 18.15 41.26 -1.54
N ALA B 10 19.09 42.07 -1.04
CA ALA B 10 20.09 42.71 -1.88
C ALA B 10 20.98 41.74 -2.65
N GLY B 11 20.56 41.37 -3.86
CA GLY B 11 21.32 40.46 -4.69
C GLY B 11 20.44 39.42 -5.37
N THR B 12 19.32 39.09 -4.75
CA THR B 12 18.39 38.12 -5.29
C THR B 12 17.16 38.82 -5.88
N THR B 13 16.62 39.80 -5.16
CA THR B 13 15.45 40.52 -5.63
C THR B 13 15.69 41.98 -5.86
N VAL B 14 16.53 42.59 -5.04
CA VAL B 14 16.83 44.02 -5.17
C VAL B 14 18.34 44.26 -5.32
N ASP B 15 18.71 45.41 -5.87
CA ASP B 15 20.13 45.74 -6.06
C ASP B 15 20.92 44.67 -6.82
N TYR B 16 20.97 44.83 -8.14
CA TYR B 16 21.68 43.90 -9.02
C TYR B 16 23.18 44.02 -8.79
N GLY B 17 23.82 42.90 -8.50
CA GLY B 17 25.25 42.92 -8.25
C GLY B 17 25.54 43.09 -6.78
N CYS B 18 24.53 43.53 -6.02
CA CYS B 18 24.69 43.75 -4.60
C CYS B 18 25.79 44.79 -4.42
N PHE B 19 25.52 46.02 -4.84
CA PHE B 19 26.49 47.11 -4.77
C PHE B 19 26.42 48.12 -3.63
N ALA B 20 25.27 48.23 -2.97
CA ALA B 20 25.14 49.18 -1.87
C ALA B 20 26.32 49.18 -0.89
N PRO B 21 26.52 48.05 -0.15
CA PRO B 21 27.59 47.89 0.84
C PRO B 21 29.03 47.88 0.32
N LEU B 22 29.22 47.53 -0.96
CA LEU B 22 30.55 47.40 -1.53
C LEU B 22 31.62 48.46 -1.27
N GLU B 23 31.56 49.60 -1.95
CA GLU B 23 32.61 50.57 -1.73
C GLU B 23 32.80 50.93 -0.26
N VAL B 24 31.70 51.01 0.48
CA VAL B 24 31.74 51.35 1.89
C VAL B 24 32.69 50.43 2.68
N PHE B 25 32.50 49.12 2.56
CA PHE B 25 33.39 48.19 3.23
C PHE B 25 34.83 48.54 2.88
N MET B 26 35.05 48.93 1.64
CA MET B 26 36.39 49.29 1.21
C MET B 26 36.80 50.63 1.81
N GLU B 27 35.86 51.58 1.85
CA GLU B 27 36.16 52.91 2.37
C GLU B 27 36.73 52.94 3.79
N ILE B 28 35.97 52.40 4.74
CA ILE B 28 36.41 52.37 6.13
C ILE B 28 37.82 51.81 6.29
N PHE B 29 38.12 50.73 5.58
CA PHE B 29 39.44 50.10 5.64
C PHE B 29 40.52 50.99 4.99
N HIS B 30 40.14 51.76 3.98
CA HIS B 30 41.11 52.60 3.29
C HIS B 30 41.51 53.82 4.10
N LYS B 31 40.64 54.26 4.99
CA LYS B 31 40.94 55.42 5.82
C LYS B 31 42.00 55.05 6.86
N ARG B 32 42.15 53.76 7.11
CA ARG B 32 43.13 53.28 8.08
C ARG B 32 44.44 53.00 7.37
N GLY B 33 44.36 52.95 6.05
CA GLY B 33 45.54 52.70 5.24
C GLY B 33 45.73 51.23 4.93
N VAL B 34 44.66 50.44 5.03
CA VAL B 34 44.75 49.02 4.77
C VAL B 34 44.61 48.68 3.29
N ALA B 35 43.45 48.99 2.70
CA ALA B 35 43.23 48.71 1.28
C ALA B 35 43.05 47.21 1.03
N ILE B 36 41.85 46.85 0.60
CA ILE B 36 41.52 45.45 0.32
C ILE B 36 40.87 45.44 -1.06
N THR B 37 40.79 44.27 -1.69
CA THR B 37 40.17 44.20 -3.02
C THR B 37 38.64 44.06 -2.97
N ALA B 38 38.00 44.53 -4.04
CA ALA B 38 36.56 44.47 -4.16
C ALA B 38 36.14 43.02 -4.06
N GLU B 39 37.14 42.14 -4.07
CA GLU B 39 36.90 40.72 -3.98
C GLU B 39 36.72 40.30 -2.54
N GLU B 40 37.75 40.50 -1.73
CA GLU B 40 37.74 40.14 -0.32
C GLU B 40 36.56 40.76 0.37
N ALA B 41 36.37 42.05 0.09
CA ALA B 41 35.30 42.83 0.68
C ALA B 41 33.93 42.39 0.20
N ARG B 42 33.86 41.21 -0.39
CA ARG B 42 32.59 40.70 -0.90
C ARG B 42 32.50 39.20 -0.63
N LYS B 43 33.48 38.67 0.10
CA LYS B 43 33.50 37.25 0.40
C LYS B 43 32.37 36.84 1.36
N PRO B 44 32.32 37.44 2.58
CA PRO B 44 31.30 37.13 3.57
C PRO B 44 29.98 37.90 3.40
N MET B 45 29.70 38.36 2.19
CA MET B 45 28.46 39.09 1.92
C MET B 45 27.33 38.14 2.31
N GLY B 46 26.39 38.64 3.11
CA GLY B 46 25.28 37.80 3.52
C GLY B 46 25.07 37.92 5.01
N LEU B 47 26.18 38.02 5.72
CA LEU B 47 26.19 38.14 7.18
C LEU B 47 25.69 39.48 7.71
N LEU B 48 25.35 39.49 8.99
CA LEU B 48 24.89 40.69 9.64
C LEU B 48 26.03 41.67 9.49
N LYS B 49 25.71 42.83 8.92
CA LYS B 49 26.67 43.90 8.67
C LYS B 49 27.88 43.98 9.59
N ILE B 50 27.65 44.00 10.89
CA ILE B 50 28.75 44.08 11.84
C ILE B 50 29.66 42.84 11.77
N ASP B 51 29.05 41.67 11.54
CA ASP B 51 29.78 40.42 11.44
C ASP B 51 30.64 40.42 10.21
N HIS B 52 30.08 41.01 9.16
CA HIS B 52 30.74 41.17 7.87
C HIS B 52 31.98 41.98 8.11
N VAL B 53 31.87 43.08 8.87
CA VAL B 53 33.03 43.90 9.18
C VAL B 53 34.04 43.06 9.93
N ARG B 54 33.57 42.42 10.99
CA ARG B 54 34.43 41.60 11.83
C ARG B 54 35.17 40.54 11.03
N ALA B 55 34.50 39.93 10.06
CA ALA B 55 35.12 38.90 9.23
C ALA B 55 36.26 39.46 8.38
N LEU B 56 36.11 40.69 7.91
CA LEU B 56 37.13 41.34 7.08
C LEU B 56 38.43 41.53 7.84
N THR B 57 38.32 41.89 9.12
CA THR B 57 39.50 42.08 9.95
C THR B 57 40.16 40.73 10.29
N GLU B 58 39.45 39.65 10.00
CA GLU B 58 39.95 38.32 10.31
C GLU B 58 40.65 37.57 9.19
N MET B 59 40.44 37.97 7.94
CA MET B 59 41.10 37.29 6.83
C MET B 59 42.58 37.54 7.06
N PRO B 60 43.44 36.54 6.79
CA PRO B 60 44.88 36.66 6.99
C PRO B 60 45.49 37.90 6.37
N ARG B 61 45.40 38.04 5.06
CA ARG B 61 45.99 39.20 4.40
C ARG B 61 45.59 40.46 5.15
N ILE B 62 44.32 40.83 5.06
CA ILE B 62 43.82 42.01 5.75
C ILE B 62 44.33 42.07 7.19
N ALA B 63 43.99 41.04 7.96
CA ALA B 63 44.40 40.94 9.34
C ALA B 63 45.90 41.06 9.50
N SER B 64 46.64 40.70 8.47
CA SER B 64 48.08 40.80 8.55
C SER B 64 48.47 42.22 8.18
N GLU B 65 48.11 42.62 6.97
CA GLU B 65 48.37 43.95 6.45
C GLU B 65 48.15 44.91 7.60
N TRP B 66 47.03 44.74 8.28
CA TRP B 66 46.70 45.60 9.40
C TRP B 66 47.87 45.68 10.36
N ASN B 67 48.26 44.52 10.88
CA ASN B 67 49.35 44.44 11.82
C ASN B 67 50.56 45.19 11.33
N ARG B 68 50.80 45.15 10.04
CA ARG B 68 51.96 45.83 9.49
C ARG B 68 51.92 47.34 9.61
N VAL B 69 50.74 47.89 9.87
CA VAL B 69 50.65 49.33 9.96
C VAL B 69 50.45 49.83 11.37
N PHE B 70 49.72 49.05 12.17
CA PHE B 70 49.45 49.46 13.54
C PHE B 70 50.29 48.64 14.51
N ARG B 71 51.07 47.70 13.97
CA ARG B 71 51.92 46.84 14.78
C ARG B 71 51.08 46.06 15.79
N GLN B 72 49.96 45.50 15.33
CA GLN B 72 49.07 44.73 16.19
C GLN B 72 47.77 44.44 15.47
N LEU B 73 47.18 43.28 15.72
CA LEU B 73 45.94 42.90 15.08
C LEU B 73 44.79 43.82 15.53
N PRO B 74 43.70 43.86 14.75
CA PRO B 74 42.52 44.68 15.02
C PRO B 74 41.74 44.39 16.31
N THR B 75 41.41 45.46 17.05
CA THR B 75 40.67 45.40 18.33
C THR B 75 39.18 45.58 18.14
N GLU B 76 38.40 45.22 19.16
CA GLU B 76 36.97 45.42 19.10
C GLU B 76 36.77 46.91 18.91
N ALA B 77 37.54 47.69 19.65
CA ALA B 77 37.44 49.13 19.56
C ALA B 77 37.43 49.51 18.09
N ASP B 78 38.47 49.08 17.38
CA ASP B 78 38.63 49.36 15.95
C ASP B 78 37.39 48.98 15.14
N ILE B 79 37.16 47.68 15.06
CA ILE B 79 36.03 47.16 14.31
C ILE B 79 34.76 47.84 14.76
N GLN B 80 34.62 48.02 16.07
CA GLN B 80 33.43 48.66 16.62
C GLN B 80 33.36 50.07 16.07
N GLU B 81 34.52 50.71 15.93
CA GLU B 81 34.59 52.06 15.40
C GLU B 81 34.32 52.02 13.91
N MET B 82 34.94 51.06 13.21
CA MET B 82 34.74 50.92 11.78
C MET B 82 33.27 50.73 11.45
N TYR B 83 32.55 49.97 12.27
CA TYR B 83 31.15 49.74 11.99
C TYR B 83 30.33 51.01 12.14
N GLU B 84 30.73 51.87 13.07
CA GLU B 84 30.02 53.11 13.31
C GLU B 84 30.15 54.01 12.10
N GLU B 85 31.26 53.93 11.38
CA GLU B 85 31.46 54.74 10.19
C GLU B 85 30.61 54.18 9.07
N PHE B 86 30.66 52.86 8.92
CA PHE B 86 29.91 52.13 7.91
C PHE B 86 28.43 52.46 8.05
N GLU B 87 27.94 52.31 9.29
CA GLU B 87 26.55 52.56 9.66
C GLU B 87 25.95 53.86 9.16
N GLU B 88 26.72 54.93 9.13
CA GLU B 88 26.16 56.20 8.69
C GLU B 88 26.32 56.50 7.22
N ILE B 89 27.42 56.02 6.63
CA ILE B 89 27.61 56.23 5.20
C ILE B 89 26.56 55.37 4.50
N LEU B 90 26.69 54.05 4.59
CA LEU B 90 25.73 53.15 3.95
C LEU B 90 24.30 53.66 4.18
N PHE B 91 24.01 54.10 5.41
CA PHE B 91 22.67 54.58 5.76
C PHE B 91 22.20 55.76 4.94
N ALA B 92 23.15 56.56 4.45
CA ALA B 92 22.84 57.75 3.66
C ALA B 92 22.50 57.46 2.20
N ILE B 93 23.29 56.60 1.57
CA ILE B 93 23.05 56.27 0.17
C ILE B 93 22.17 55.03 -0.04
N LEU B 94 21.82 54.35 1.05
CA LEU B 94 21.00 53.13 0.99
C LEU B 94 19.71 53.23 0.18
N PRO B 95 19.12 54.43 0.07
CA PRO B 95 17.89 54.53 -0.71
C PRO B 95 18.01 54.16 -2.19
N ARG B 96 19.09 54.60 -2.84
CA ARG B 96 19.28 54.29 -4.26
C ARG B 96 19.25 52.78 -4.52
N TYR B 97 20.38 52.13 -4.31
CA TYR B 97 20.50 50.69 -4.52
C TYR B 97 19.34 50.09 -3.74
N ALA B 98 18.18 49.99 -4.38
CA ALA B 98 17.01 49.46 -3.68
C ALA B 98 15.93 48.98 -4.63
N SER B 99 16.00 49.45 -5.86
CA SER B 99 15.05 49.06 -6.89
C SER B 99 15.25 47.57 -7.18
N PRO B 100 14.14 46.84 -7.41
CA PRO B 100 14.15 45.41 -7.70
C PRO B 100 14.91 45.05 -8.95
N ILE B 101 15.56 43.89 -8.96
CA ILE B 101 16.32 43.45 -10.11
C ILE B 101 15.41 43.03 -11.24
N ASN B 102 15.79 43.43 -12.43
CA ASN B 102 15.04 43.13 -13.64
C ASN B 102 14.72 41.64 -13.80
N ALA B 103 13.47 41.29 -13.47
CA ALA B 103 12.94 39.91 -13.59
C ALA B 103 12.00 39.46 -12.47
N VAL B 104 12.52 39.36 -11.26
CA VAL B 104 11.75 38.91 -10.12
C VAL B 104 10.24 39.15 -10.16
N LYS B 105 9.81 40.39 -9.97
CA LYS B 105 8.38 40.71 -9.94
C LYS B 105 7.42 39.77 -10.68
N GLU B 106 7.67 39.50 -11.96
CA GLU B 106 6.79 38.62 -12.71
C GLU B 106 6.78 37.26 -12.01
N VAL B 107 7.97 36.77 -11.68
CA VAL B 107 8.14 35.49 -10.99
C VAL B 107 7.35 35.42 -9.68
N ILE B 108 7.42 36.47 -8.87
CA ILE B 108 6.65 36.43 -7.63
C ILE B 108 5.19 36.39 -8.05
N ALA B 109 4.84 37.28 -8.99
CA ALA B 109 3.47 37.38 -9.52
C ALA B 109 2.97 35.99 -9.86
N SER B 110 3.81 35.23 -10.57
CA SER B 110 3.46 33.87 -10.93
C SER B 110 3.34 32.99 -9.68
N LEU B 111 4.36 33.03 -8.82
CA LEU B 111 4.38 32.22 -7.61
C LEU B 111 3.16 32.44 -6.73
N ARG B 112 2.71 33.67 -6.60
CA ARG B 112 1.55 33.89 -5.76
C ARG B 112 0.29 33.34 -6.40
N GLU B 113 0.32 33.13 -7.72
CA GLU B 113 -0.84 32.58 -8.42
C GLU B 113 -1.10 31.13 -8.04
N ARG B 114 -0.04 30.33 -7.91
CA ARG B 114 -0.18 28.94 -7.53
C ARG B 114 -0.26 28.84 -6.01
N GLY B 115 -0.73 29.92 -5.38
CA GLY B 115 -0.87 29.97 -3.93
C GLY B 115 0.38 29.74 -3.10
N ILE B 116 1.53 30.25 -3.55
CA ILE B 116 2.77 30.06 -2.81
C ILE B 116 3.20 31.30 -2.00
N LYS B 117 3.51 31.10 -0.73
CA LYS B 117 3.91 32.20 0.14
C LYS B 117 5.34 32.69 -0.10
N ILE B 118 5.55 33.99 0.10
CA ILE B 118 6.87 34.57 -0.09
C ILE B 118 7.42 35.12 1.22
N GLY B 119 8.55 34.58 1.66
CA GLY B 119 9.20 35.04 2.87
C GLY B 119 10.40 35.89 2.50
N SER B 120 11.27 36.19 3.46
CA SER B 120 12.47 36.99 3.16
C SER B 120 13.48 37.14 4.29
N THR B 121 14.65 36.53 4.09
CA THR B 121 15.74 36.59 5.05
C THR B 121 16.73 37.66 4.54
N THR B 122 17.47 38.30 5.43
CA THR B 122 18.39 39.34 4.97
C THR B 122 19.60 39.62 5.85
N GLY B 123 20.56 40.36 5.29
CA GLY B 123 21.77 40.70 6.02
C GLY B 123 21.69 42.05 6.70
N TYR B 124 20.91 42.99 6.15
CA TYR B 124 20.75 44.32 6.74
C TYR B 124 20.09 44.25 8.12
N THR B 125 20.27 45.33 8.88
CA THR B 125 19.70 45.44 10.22
C THR B 125 18.21 45.78 10.11
N ARG B 126 17.52 45.90 11.25
CA ARG B 126 16.11 46.21 11.19
C ARG B 126 16.01 47.67 10.79
N GLU B 127 16.85 48.49 11.40
CA GLU B 127 16.86 49.91 11.11
C GLU B 127 17.07 50.13 9.61
N MET B 128 17.97 49.33 9.03
CA MET B 128 18.24 49.47 7.61
C MET B 128 17.03 49.07 6.74
N MET B 129 16.55 47.83 6.89
CA MET B 129 15.41 47.34 6.09
C MET B 129 14.25 48.31 6.02
N ASP B 130 13.91 48.93 7.15
CA ASP B 130 12.82 49.91 7.22
C ASP B 130 12.83 50.69 5.92
N ILE B 131 14.03 51.19 5.59
CA ILE B 131 14.27 51.97 4.39
C ILE B 131 14.08 51.13 3.14
N VAL B 132 15.03 50.24 2.92
CA VAL B 132 15.01 49.38 1.76
C VAL B 132 13.63 48.78 1.45
N ALA B 133 12.82 48.52 2.47
CA ALA B 133 11.52 47.93 2.22
C ALA B 133 10.51 48.94 1.65
N LYS B 134 10.44 50.11 2.25
CA LYS B 134 9.50 51.14 1.81
C LYS B 134 9.65 51.37 0.32
N GLU B 135 10.83 51.81 -0.08
CA GLU B 135 11.12 52.08 -1.48
C GLU B 135 10.97 50.85 -2.36
N ALA B 136 11.41 49.69 -1.85
CA ALA B 136 11.31 48.46 -2.60
C ALA B 136 9.84 48.13 -2.80
N ALA B 137 9.01 48.56 -1.85
CA ALA B 137 7.58 48.31 -1.95
C ALA B 137 7.05 49.32 -2.95
N LEU B 138 7.52 50.55 -2.83
CA LEU B 138 7.10 51.62 -3.71
C LEU B 138 7.37 51.28 -5.16
N GLN B 139 8.32 50.38 -5.40
CA GLN B 139 8.65 49.99 -6.76
C GLN B 139 8.09 48.63 -7.07
N GLY B 140 7.16 48.18 -6.23
CA GLY B 140 6.53 46.90 -6.43
C GLY B 140 7.34 45.69 -6.04
N TYR B 141 7.06 45.16 -4.86
CA TYR B 141 7.73 43.99 -4.30
C TYR B 141 7.56 44.07 -2.80
N LYS B 142 6.65 43.27 -2.27
CA LYS B 142 6.38 43.27 -0.84
C LYS B 142 6.18 41.81 -0.39
N PRO B 143 7.30 41.10 -0.12
CA PRO B 143 7.15 39.71 0.31
C PRO B 143 6.17 39.63 1.47
N ASP B 144 5.56 38.46 1.63
CA ASP B 144 4.58 38.19 2.68
C ASP B 144 5.11 38.30 4.10
N PHE B 145 6.43 38.39 4.24
CA PHE B 145 7.00 38.50 5.57
C PHE B 145 8.48 38.80 5.48
N LEU B 146 9.01 39.47 6.50
CA LEU B 146 10.40 39.82 6.52
C LEU B 146 11.06 39.56 7.86
N VAL B 147 12.24 38.93 7.83
CA VAL B 147 12.99 38.60 9.04
C VAL B 147 14.33 39.32 8.99
N THR B 148 14.91 39.56 10.16
CA THR B 148 16.20 40.23 10.26
C THR B 148 17.00 39.65 11.43
N PRO B 149 18.32 39.76 11.37
CA PRO B 149 19.13 39.21 12.46
C PRO B 149 18.76 39.76 13.83
N ASP B 150 17.78 40.66 13.90
CA ASP B 150 17.38 41.23 15.19
C ASP B 150 16.30 40.36 15.81
N ASP B 151 15.42 39.87 14.96
CA ASP B 151 14.31 39.04 15.37
C ASP B 151 14.78 37.72 15.97
N VAL B 152 15.96 37.27 15.58
CA VAL B 152 16.48 36.00 16.09
C VAL B 152 17.79 36.12 16.87
N PRO B 153 18.17 35.07 17.60
CA PRO B 153 19.41 35.13 18.37
C PRO B 153 20.69 35.25 17.57
N ALA B 154 20.71 34.71 16.36
CA ALA B 154 21.94 34.77 15.60
C ALA B 154 21.86 35.24 14.16
N GLY B 155 23.03 35.57 13.64
CA GLY B 155 23.17 36.04 12.26
C GLY B 155 22.50 35.19 11.19
N ARG B 156 23.23 34.95 10.08
CA ARG B 156 22.66 34.21 8.97
C ARG B 156 23.15 32.80 8.70
N PRO B 157 24.44 32.49 8.88
CA PRO B 157 24.76 31.09 8.60
C PRO B 157 23.79 30.12 9.26
N TYR B 158 23.17 30.56 10.37
CA TYR B 158 22.20 29.76 11.13
C TYR B 158 20.84 29.82 10.46
N PRO B 159 20.04 28.75 10.57
CA PRO B 159 18.71 28.74 9.96
C PRO B 159 17.71 29.66 10.62
N TRP B 160 17.97 29.97 11.88
CA TRP B 160 17.12 30.83 12.73
C TRP B 160 16.19 31.80 11.98
N MET B 161 16.74 32.65 11.13
CA MET B 161 15.84 33.54 10.42
C MET B 161 14.81 32.74 9.61
N CYS B 162 15.26 31.68 8.95
CA CYS B 162 14.36 30.86 8.15
C CYS B 162 13.23 30.28 9.00
N TYR B 163 13.55 29.71 10.15
CA TYR B 163 12.51 29.17 11.01
C TYR B 163 11.40 30.16 11.28
N LYS B 164 11.75 31.40 11.57
CA LYS B 164 10.75 32.42 11.85
C LYS B 164 9.86 32.67 10.64
N ASN B 165 10.38 32.44 9.43
CA ASN B 165 9.58 32.65 8.23
C ASN B 165 8.55 31.54 8.18
N ALA B 166 9.04 30.32 8.36
CA ALA B 166 8.18 29.14 8.33
C ALA B 166 7.09 29.22 9.40
N MET B 167 7.51 29.64 10.58
CA MET B 167 6.60 29.78 11.69
C MET B 167 5.54 30.79 11.31
N GLU B 168 5.96 31.89 10.68
CA GLU B 168 5.03 32.93 10.30
C GLU B 168 4.14 32.63 9.11
N LEU B 169 4.70 32.07 8.04
CA LEU B 169 3.92 31.72 6.86
C LEU B 169 2.95 30.59 7.20
N GLY B 170 3.38 29.69 8.08
CA GLY B 170 2.55 28.59 8.51
C GLY B 170 2.78 27.27 7.80
N VAL B 171 3.99 27.07 7.27
CA VAL B 171 4.34 25.84 6.56
C VAL B 171 5.07 24.87 7.51
N TYR B 172 4.55 23.65 7.72
CA TYR B 172 5.22 22.72 8.64
C TYR B 172 6.55 22.16 8.19
N PRO B 173 6.51 21.02 7.45
CA PRO B 173 7.71 20.32 6.95
C PRO B 173 8.74 21.22 6.36
N MET B 174 9.91 21.26 6.99
CA MET B 174 10.95 22.12 6.51
C MET B 174 11.28 21.87 5.03
N ASN B 175 11.18 20.61 4.60
CA ASN B 175 11.47 20.25 3.21
C ASN B 175 10.34 20.62 2.24
N HIS B 176 9.47 21.55 2.62
CA HIS B 176 8.40 21.99 1.74
C HIS B 176 8.70 23.45 1.47
N MET B 177 9.98 23.80 1.51
CA MET B 177 10.38 25.19 1.29
C MET B 177 11.60 25.35 0.42
N ILE B 178 11.53 26.30 -0.50
CA ILE B 178 12.62 26.58 -1.42
C ILE B 178 13.31 27.83 -0.89
N LYS B 179 14.63 27.85 -0.92
CA LYS B 179 15.38 28.99 -0.43
C LYS B 179 16.17 29.54 -1.61
N VAL B 180 15.78 30.68 -2.15
CA VAL B 180 16.52 31.27 -3.26
C VAL B 180 17.45 32.34 -2.76
N GLY B 181 18.72 32.24 -3.12
CA GLY B 181 19.70 33.23 -2.67
C GLY B 181 20.85 33.43 -3.64
N ASP B 182 21.64 34.49 -3.42
CA ASP B 182 22.75 34.76 -4.32
C ASP B 182 24.14 34.76 -3.72
N THR B 183 24.32 34.21 -2.51
CA THR B 183 25.65 34.16 -1.91
C THR B 183 25.93 32.80 -1.29
N VAL B 184 27.18 32.59 -0.91
CA VAL B 184 27.58 31.34 -0.28
C VAL B 184 26.80 31.24 1.06
N SER B 185 26.77 32.34 1.80
CA SER B 185 26.07 32.39 3.08
C SER B 185 24.68 31.78 2.99
N ASP B 186 23.93 32.20 1.99
CA ASP B 186 22.57 31.71 1.78
C ASP B 186 22.51 30.20 1.57
N MET B 187 23.42 29.70 0.76
CA MET B 187 23.48 28.27 0.48
C MET B 187 23.43 27.53 1.80
N LYS B 188 24.39 27.81 2.67
CA LYS B 188 24.46 27.18 3.97
C LYS B 188 23.15 27.37 4.73
N GLU B 189 22.75 28.64 4.89
CA GLU B 189 21.51 28.97 5.59
C GLU B 189 20.37 28.09 5.09
N GLY B 190 20.32 27.87 3.78
CA GLY B 190 19.28 27.02 3.22
C GLY B 190 19.46 25.56 3.60
N ARG B 191 20.68 25.09 3.46
CA ARG B 191 20.98 23.70 3.78
C ARG B 191 20.83 23.42 5.28
N ASN B 192 21.35 24.32 6.11
CA ASN B 192 21.25 24.17 7.56
C ASN B 192 19.80 24.19 7.99
N ALA B 193 18.97 24.90 7.22
CA ALA B 193 17.54 25.02 7.51
C ALA B 193 16.81 23.77 7.11
N GLY B 194 17.45 22.98 6.24
CA GLY B 194 16.82 21.75 5.78
C GLY B 194 15.83 22.02 4.65
N MET B 195 16.15 23.01 3.84
CA MET B 195 15.29 23.38 2.72
C MET B 195 15.98 23.14 1.38
N TRP B 196 15.19 23.23 0.32
CA TRP B 196 15.72 23.06 -1.04
C TRP B 196 16.43 24.37 -1.36
N THR B 197 17.73 24.29 -1.60
CA THR B 197 18.51 25.48 -1.86
C THR B 197 18.84 25.81 -3.32
N VAL B 198 18.15 26.82 -3.84
CA VAL B 198 18.38 27.28 -5.21
C VAL B 198 19.26 28.51 -5.13
N GLY B 199 20.16 28.70 -6.09
CA GLY B 199 21.03 29.86 -6.04
C GLY B 199 21.22 30.64 -7.32
N VAL B 200 20.53 31.77 -7.46
CA VAL B 200 20.61 32.63 -8.66
C VAL B 200 22.04 33.10 -8.91
N ILE B 201 22.40 33.30 -10.18
CA ILE B 201 23.75 33.74 -10.54
C ILE B 201 23.89 35.15 -11.13
N LEU B 202 23.14 35.45 -12.19
CA LEU B 202 23.25 36.77 -12.81
C LEU B 202 22.52 37.84 -11.99
N GLY B 203 23.30 38.71 -11.37
CA GLY B 203 22.75 39.76 -10.54
C GLY B 203 23.27 39.50 -9.14
N SER B 204 23.72 38.26 -8.93
CA SER B 204 24.24 37.82 -7.65
C SER B 204 25.40 38.70 -7.22
N SER B 205 25.94 38.39 -6.05
CA SER B 205 27.08 39.09 -5.51
C SER B 205 28.28 38.30 -6.00
N GLU B 206 28.11 36.97 -6.00
CA GLU B 206 29.13 36.04 -6.43
C GLU B 206 29.75 36.48 -7.73
N LEU B 207 28.94 36.55 -8.77
CA LEU B 207 29.41 36.97 -10.08
C LEU B 207 29.91 38.40 -9.87
N GLY B 208 29.12 39.18 -9.16
CA GLY B 208 29.49 40.56 -8.90
C GLY B 208 29.64 41.44 -10.13
N LEU B 209 28.55 41.65 -10.86
CA LEU B 209 28.64 42.47 -12.04
C LEU B 209 27.36 43.28 -12.20
N THR B 210 27.50 44.45 -12.81
CA THR B 210 26.41 45.38 -13.06
C THR B 210 25.66 44.95 -14.31
N GLU B 211 25.68 45.81 -15.30
CA GLU B 211 24.98 45.52 -16.55
C GLU B 211 25.79 46.01 -17.75
N GLU B 212 26.01 47.29 -17.83
CA GLU B 212 26.74 47.82 -18.97
C GLU B 212 28.09 47.05 -19.10
N GLU B 213 28.15 45.84 -18.47
CA GLU B 213 29.37 44.93 -18.48
C GLU B 213 29.01 43.42 -18.27
N VAL B 214 27.79 43.07 -18.69
CA VAL B 214 27.22 41.70 -18.59
C VAL B 214 26.32 41.49 -19.81
N GLU B 215 25.76 42.61 -20.14
CA GLU B 215 24.85 42.84 -21.26
C GLU B 215 25.66 43.51 -22.36
N ASN B 216 26.90 43.74 -21.96
CA ASN B 216 27.94 44.39 -22.77
C ASN B 216 29.29 43.73 -22.47
N MET B 217 29.24 42.41 -22.31
CA MET B 217 30.43 41.56 -22.02
C MET B 217 30.49 40.38 -23.02
N ASP B 218 31.74 40.03 -23.38
CA ASP B 218 32.04 38.98 -24.39
C ASP B 218 31.62 37.58 -23.93
N SER B 219 30.78 37.01 -24.79
CA SER B 219 30.15 35.68 -24.65
C SER B 219 30.92 34.75 -23.72
N VAL B 220 31.84 34.00 -24.32
CA VAL B 220 32.65 33.04 -23.56
C VAL B 220 32.88 33.54 -22.17
N GLU B 221 33.65 34.57 -22.16
CA GLU B 221 34.02 35.16 -20.91
C GLU B 221 32.93 34.94 -19.89
N LEU B 222 31.88 35.73 -20.03
CA LEU B 222 30.76 35.70 -19.10
C LEU B 222 30.29 34.27 -18.80
N ARG B 223 30.14 33.48 -19.85
CA ARG B 223 29.71 32.07 -19.73
C ARG B 223 30.70 31.31 -18.84
N GLU B 224 31.97 31.66 -18.98
CA GLU B 224 33.06 31.05 -18.24
C GLU B 224 33.00 31.49 -16.79
N LYS B 225 32.46 32.69 -16.55
CA LYS B 225 32.32 33.23 -15.21
C LYS B 225 31.11 32.62 -14.52
N ILE B 226 29.97 32.61 -15.22
CA ILE B 226 28.76 32.02 -14.67
C ILE B 226 29.16 30.67 -14.14
N GLU B 227 29.94 29.97 -14.95
CA GLU B 227 30.44 28.63 -14.65
C GLU B 227 31.30 28.59 -13.39
N VAL B 228 31.80 29.74 -12.96
CA VAL B 228 32.64 29.76 -11.76
C VAL B 228 31.77 29.99 -10.55
N VAL B 229 30.72 30.80 -10.73
CA VAL B 229 29.78 31.14 -9.68
C VAL B 229 28.89 29.94 -9.36
N ARG B 230 28.55 29.19 -10.42
CA ARG B 230 27.69 28.00 -10.37
C ARG B 230 28.29 26.91 -9.50
N ASN B 231 29.57 26.64 -9.70
CA ASN B 231 30.25 25.61 -8.93
C ASN B 231 30.29 26.01 -7.47
N ARG B 232 30.67 27.24 -7.18
CA ARG B 232 30.76 27.71 -5.79
C ARG B 232 29.46 27.41 -5.04
N PHE B 233 28.33 27.72 -5.67
CA PHE B 233 27.04 27.47 -5.05
C PHE B 233 26.81 25.99 -4.81
N VAL B 234 27.14 25.17 -5.79
CA VAL B 234 26.92 23.73 -5.69
C VAL B 234 27.82 23.11 -4.65
N GLU B 235 29.09 23.49 -4.69
CA GLU B 235 30.08 23.00 -3.74
C GLU B 235 30.08 24.00 -2.59
N ASN B 236 28.95 24.02 -1.88
CA ASN B 236 28.72 24.90 -0.74
C ASN B 236 27.27 24.70 -0.30
N GLY B 237 26.67 23.60 -0.78
CA GLY B 237 25.29 23.33 -0.44
C GLY B 237 24.47 24.17 -1.39
N ALA B 238 23.73 23.51 -2.28
CA ALA B 238 22.90 24.19 -3.25
C ALA B 238 22.49 23.02 -4.10
N HIS B 239 21.20 22.88 -4.30
CA HIS B 239 20.68 21.74 -5.03
C HIS B 239 20.43 22.13 -6.47
N PHE B 240 20.45 23.42 -6.75
CA PHE B 240 20.19 23.86 -8.11
C PHE B 240 20.72 25.26 -8.32
N THR B 241 21.26 25.49 -9.50
CA THR B 241 21.75 26.82 -9.82
C THR B 241 20.79 27.37 -10.88
N ILE B 242 20.72 28.69 -10.98
CA ILE B 242 19.85 29.31 -11.96
C ILE B 242 20.56 30.55 -12.51
N GLU B 243 20.22 30.95 -13.73
CA GLU B 243 20.85 32.11 -14.29
C GLU B 243 19.95 33.33 -14.07
N THR B 244 18.75 33.08 -13.56
CA THR B 244 17.77 34.13 -13.26
C THR B 244 16.41 33.56 -12.86
N MET B 245 15.70 34.34 -12.05
CA MET B 245 14.39 33.97 -11.53
C MET B 245 13.42 33.34 -12.52
N GLN B 246 13.57 33.60 -13.81
CA GLN B 246 12.66 33.02 -14.78
C GLN B 246 12.72 31.51 -14.73
N GLU B 247 13.91 30.98 -14.47
CA GLU B 247 14.13 29.53 -14.43
C GLU B 247 13.75 28.87 -13.11
N LEU B 248 13.34 29.67 -12.13
CA LEU B 248 12.99 29.14 -10.81
C LEU B 248 11.88 28.09 -10.81
N GLU B 249 10.68 28.48 -11.21
CA GLU B 249 9.54 27.57 -11.24
C GLU B 249 9.96 26.17 -11.67
N SER B 250 10.50 26.08 -12.88
CA SER B 250 10.97 24.83 -13.47
C SER B 250 11.73 23.98 -12.45
N VAL B 251 12.49 24.63 -11.56
CA VAL B 251 13.24 23.91 -10.56
C VAL B 251 12.26 23.30 -9.58
N MET B 252 11.30 24.08 -9.15
CA MET B 252 10.30 23.57 -8.23
C MET B 252 9.68 22.34 -8.89
N GLU B 253 9.27 22.52 -10.14
CA GLU B 253 8.68 21.46 -10.93
C GLU B 253 9.43 20.15 -10.77
N HIS B 254 10.73 20.23 -10.98
CA HIS B 254 11.63 19.08 -10.90
C HIS B 254 11.76 18.49 -9.51
N ILE B 255 11.36 19.22 -8.48
CA ILE B 255 11.45 18.71 -7.11
C ILE B 255 10.24 17.80 -6.85
N GLU B 256 10.11 16.81 -7.73
CA GLU B 256 9.06 15.78 -7.71
C GLU B 256 9.66 14.48 -8.30
N LYS C 1 -0.28 -40.97 -14.92
CA LYS C 1 0.27 -40.58 -13.58
C LYS C 1 -0.83 -39.98 -12.70
N ILE C 2 -0.94 -40.40 -11.43
CA ILE C 2 -2.01 -39.86 -10.55
C ILE C 2 -1.53 -38.79 -9.58
N GLU C 3 -1.91 -37.55 -9.87
CA GLU C 3 -1.53 -36.39 -9.08
C GLU C 3 -2.48 -35.93 -7.97
N ALA C 4 -3.78 -36.10 -8.14
CA ALA C 4 -4.71 -35.65 -7.11
C ALA C 4 -5.86 -36.63 -6.89
N VAL C 5 -6.52 -36.52 -5.74
CA VAL C 5 -7.65 -37.37 -5.40
C VAL C 5 -8.72 -36.50 -4.76
N ILE C 6 -9.84 -36.33 -5.43
CA ILE C 6 -10.94 -35.53 -4.89
C ILE C 6 -11.81 -36.47 -4.09
N PHE C 7 -11.87 -36.30 -2.77
CA PHE C 7 -12.68 -37.15 -1.91
C PHE C 7 -14.05 -36.58 -1.65
N ASP C 8 -15.05 -37.43 -1.56
CA ASP C 8 -16.39 -36.96 -1.25
C ASP C 8 -16.43 -36.87 0.28
N TRP C 9 -17.40 -36.14 0.82
CA TRP C 9 -17.50 -36.03 2.26
C TRP C 9 -18.32 -37.13 2.92
N ALA C 10 -19.60 -36.85 3.20
CA ALA C 10 -20.50 -37.81 3.82
C ALA C 10 -20.53 -39.13 3.05
N GLY C 11 -20.26 -40.22 3.75
CA GLY C 11 -20.25 -41.52 3.11
C GLY C 11 -18.87 -41.97 2.64
N THR C 12 -18.01 -41.04 2.31
CA THR C 12 -16.69 -41.40 1.85
C THR C 12 -15.66 -41.16 2.93
N THR C 13 -15.71 -40.01 3.56
CA THR C 13 -14.73 -39.73 4.60
C THR C 13 -15.33 -39.53 6.00
N VAL C 14 -16.60 -39.17 6.08
CA VAL C 14 -17.29 -38.96 7.36
C VAL C 14 -18.70 -39.48 7.24
N ASP C 15 -19.36 -39.68 8.39
CA ASP C 15 -20.76 -40.14 8.42
C ASP C 15 -20.93 -41.48 7.71
N TYR C 16 -20.29 -42.50 8.25
CA TYR C 16 -20.36 -43.84 7.69
C TYR C 16 -21.83 -44.22 7.51
N GLY C 17 -22.21 -44.49 6.26
CA GLY C 17 -23.59 -44.87 5.95
C GLY C 17 -24.44 -43.69 5.55
N CYS C 18 -23.91 -42.50 5.74
CA CYS C 18 -24.63 -41.28 5.39
C CYS C 18 -26.00 -41.29 6.04
N PHE C 19 -26.03 -41.07 7.35
CA PHE C 19 -27.30 -41.04 8.05
C PHE C 19 -27.66 -39.68 8.62
N ALA C 20 -26.79 -38.70 8.41
CA ALA C 20 -27.08 -37.37 8.93
C ALA C 20 -28.50 -36.94 8.57
N PRO C 21 -28.80 -36.82 7.27
CA PRO C 21 -30.12 -36.41 6.77
C PRO C 21 -31.24 -37.39 7.05
N LEU C 22 -31.01 -38.67 6.76
CA LEU C 22 -32.03 -39.71 6.95
C LEU C 22 -32.85 -39.56 8.23
N GLU C 23 -32.20 -39.15 9.31
CA GLU C 23 -32.86 -38.97 10.58
C GLU C 23 -33.66 -37.67 10.65
N VAL C 24 -33.13 -36.61 10.05
CA VAL C 24 -33.79 -35.32 10.04
C VAL C 24 -35.15 -35.41 9.34
N PHE C 25 -35.14 -36.00 8.14
CA PHE C 25 -36.37 -36.17 7.37
C PHE C 25 -37.38 -36.99 8.16
N MET C 26 -36.97 -38.17 8.59
CA MET C 26 -37.85 -39.00 9.37
C MET C 26 -38.34 -38.16 10.53
N GLU C 27 -37.55 -37.18 10.94
CA GLU C 27 -37.95 -36.35 12.06
C GLU C 27 -38.97 -35.28 11.73
N ILE C 28 -38.73 -34.50 10.68
CA ILE C 28 -39.67 -33.46 10.30
C ILE C 28 -41.07 -34.02 9.99
N PHE C 29 -41.14 -35.14 9.29
CA PHE C 29 -42.44 -35.71 8.95
C PHE C 29 -43.18 -36.27 10.17
N HIS C 30 -42.43 -36.85 11.10
CA HIS C 30 -42.98 -37.42 12.32
C HIS C 30 -43.87 -36.38 13.00
N LYS C 31 -43.32 -35.17 13.12
CA LYS C 31 -44.00 -34.04 13.72
C LYS C 31 -45.40 -33.93 13.15
N ARG C 32 -45.49 -33.73 11.84
CA ARG C 32 -46.76 -33.59 11.14
C ARG C 32 -47.51 -34.90 10.98
N GLY C 33 -47.64 -35.66 12.07
CA GLY C 33 -48.37 -36.90 12.03
C GLY C 33 -48.23 -37.78 10.79
N VAL C 34 -47.16 -37.60 10.04
CA VAL C 34 -46.93 -38.41 8.85
C VAL C 34 -45.65 -39.22 8.99
N ALA C 35 -45.83 -40.46 9.44
CA ALA C 35 -44.73 -41.38 9.65
C ALA C 35 -44.18 -41.96 8.35
N ILE C 36 -42.88 -41.78 8.14
CA ILE C 36 -42.21 -42.30 6.96
C ILE C 36 -41.04 -43.15 7.45
N THR C 37 -40.64 -44.14 6.65
CA THR C 37 -39.54 -45.04 7.02
C THR C 37 -38.16 -44.69 6.43
N ALA C 38 -37.16 -45.47 6.81
CA ALA C 38 -35.78 -45.29 6.39
C ALA C 38 -35.53 -45.52 4.89
N GLU C 39 -36.24 -46.47 4.29
CA GLU C 39 -36.05 -46.68 2.87
C GLU C 39 -36.81 -45.62 2.11
N GLU C 40 -38.11 -45.48 2.39
CA GLU C 40 -38.90 -44.49 1.68
C GLU C 40 -38.49 -43.06 2.00
N ALA C 41 -37.33 -42.93 2.63
CA ALA C 41 -36.75 -41.64 2.98
C ALA C 41 -35.44 -41.63 2.21
N ARG C 42 -34.72 -42.74 2.32
CA ARG C 42 -33.45 -42.94 1.63
C ARG C 42 -33.77 -42.94 0.13
N LYS C 43 -34.74 -43.78 -0.22
CA LYS C 43 -35.26 -43.98 -1.57
C LYS C 43 -35.17 -42.82 -2.58
N PRO C 44 -35.64 -41.62 -2.21
CA PRO C 44 -35.57 -40.49 -3.16
C PRO C 44 -34.17 -39.85 -3.14
N MET C 45 -33.16 -40.71 -3.04
CA MET C 45 -31.74 -40.37 -2.98
C MET C 45 -31.26 -39.02 -3.57
N GLY C 46 -30.16 -38.53 -2.97
CA GLY C 46 -29.52 -37.29 -3.43
C GLY C 46 -30.35 -36.02 -3.55
N LEU C 47 -30.47 -35.52 -4.78
CA LEU C 47 -31.20 -34.28 -5.07
C LEU C 47 -30.84 -33.15 -4.10
N LEU C 48 -31.43 -31.97 -4.33
CA LEU C 48 -31.16 -30.83 -3.46
C LEU C 48 -32.09 -30.96 -2.26
N LYS C 49 -31.50 -30.97 -1.06
CA LYS C 49 -32.29 -31.11 0.16
C LYS C 49 -33.71 -30.55 0.10
N ILE C 50 -33.89 -29.47 -0.67
CA ILE C 50 -35.21 -28.87 -0.80
C ILE C 50 -36.12 -29.78 -1.62
N ASP C 51 -35.66 -30.09 -2.83
CA ASP C 51 -36.40 -30.94 -3.75
C ASP C 51 -36.51 -32.38 -3.28
N HIS C 52 -35.90 -32.67 -2.13
CA HIS C 52 -36.00 -34.02 -1.59
C HIS C 52 -37.31 -34.08 -0.83
N VAL C 53 -37.54 -33.09 0.03
CA VAL C 53 -38.77 -33.05 0.77
C VAL C 53 -39.86 -33.18 -0.29
N ARG C 54 -39.68 -32.41 -1.36
CA ARG C 54 -40.61 -32.39 -2.50
C ARG C 54 -40.87 -33.80 -3.02
N ALA C 55 -39.79 -34.56 -3.22
CA ALA C 55 -39.92 -35.93 -3.68
C ALA C 55 -40.74 -36.70 -2.66
N LEU C 56 -40.23 -36.78 -1.44
CA LEU C 56 -40.90 -37.48 -0.36
C LEU C 56 -42.38 -37.11 -0.23
N THR C 57 -42.71 -35.92 -0.70
CA THR C 57 -44.08 -35.44 -0.65
C THR C 57 -44.95 -36.19 -1.64
N GLU C 58 -44.33 -36.66 -2.73
CA GLU C 58 -45.03 -37.38 -3.79
C GLU C 58 -45.04 -38.89 -3.65
N MET C 59 -44.41 -39.41 -2.60
CA MET C 59 -44.39 -40.86 -2.39
C MET C 59 -45.83 -41.22 -2.17
N PRO C 60 -46.42 -41.97 -3.09
CA PRO C 60 -47.83 -42.39 -2.99
C PRO C 60 -48.29 -42.59 -1.55
N ARG C 61 -47.61 -43.49 -0.87
CA ARG C 61 -47.92 -43.83 0.53
C ARG C 61 -47.82 -42.60 1.45
N ILE C 62 -46.90 -41.69 1.15
CA ILE C 62 -46.73 -40.48 1.95
C ILE C 62 -47.79 -39.45 1.62
N ALA C 63 -48.11 -39.30 0.33
CA ALA C 63 -49.10 -38.33 -0.07
C ALA C 63 -50.48 -38.79 0.36
N SER C 64 -50.61 -40.09 0.64
CA SER C 64 -51.88 -40.64 1.09
C SER C 64 -52.06 -40.45 2.61
N GLU C 65 -51.03 -40.71 3.40
CA GLU C 65 -51.15 -40.54 4.84
C GLU C 65 -51.20 -39.07 5.19
N TRP C 66 -50.56 -38.25 4.36
CA TRP C 66 -50.56 -36.81 4.56
C TRP C 66 -51.97 -36.28 4.44
N ASN C 67 -52.64 -36.65 3.34
CA ASN C 67 -53.99 -36.20 3.09
C ASN C 67 -54.98 -36.78 4.10
N ARG C 68 -54.57 -37.85 4.76
CA ARG C 68 -55.40 -38.49 5.78
C ARG C 68 -55.34 -37.60 7.01
N VAL C 69 -54.24 -36.88 7.13
CA VAL C 69 -54.01 -36.00 8.26
C VAL C 69 -54.56 -34.59 8.07
N PHE C 70 -53.89 -33.81 7.22
CA PHE C 70 -54.28 -32.43 6.97
C PHE C 70 -55.45 -32.24 6.02
N ARG C 71 -55.90 -33.33 5.40
CA ARG C 71 -57.03 -33.28 4.49
C ARG C 71 -56.77 -32.30 3.34
N GLN C 72 -55.63 -32.43 2.65
CA GLN C 72 -55.33 -31.52 1.54
C GLN C 72 -54.32 -31.99 0.52
N LEU C 73 -53.11 -32.25 1.00
CA LEU C 73 -51.94 -32.66 0.21
C LEU C 73 -50.95 -31.50 0.32
N PRO C 74 -49.67 -31.81 0.57
CA PRO C 74 -48.58 -30.83 0.72
C PRO C 74 -48.60 -29.71 -0.30
N THR C 75 -48.22 -28.52 0.15
CA THR C 75 -48.21 -27.35 -0.73
C THR C 75 -46.85 -26.63 -0.68
N GLU C 76 -46.69 -25.62 -1.53
CA GLU C 76 -45.45 -24.86 -1.59
C GLU C 76 -45.09 -24.29 -0.23
N ALA C 77 -46.10 -24.07 0.60
CA ALA C 77 -45.87 -23.56 1.94
C ALA C 77 -45.19 -24.67 2.73
N ASP C 78 -45.92 -25.76 2.91
CA ASP C 78 -45.44 -26.93 3.64
C ASP C 78 -44.00 -27.35 3.30
N ILE C 79 -43.66 -27.31 2.01
CA ILE C 79 -42.32 -27.67 1.58
C ILE C 79 -41.30 -26.75 2.23
N GLN C 80 -41.54 -25.45 2.09
CA GLN C 80 -40.71 -24.42 2.67
C GLN C 80 -40.60 -24.69 4.16
N GLU C 81 -41.74 -24.67 4.83
CA GLU C 81 -41.78 -24.92 6.26
C GLU C 81 -40.92 -26.11 6.60
N MET C 82 -40.98 -27.15 5.76
CA MET C 82 -40.21 -28.36 6.02
C MET C 82 -38.71 -28.22 5.76
N TYR C 83 -38.32 -27.67 4.61
CA TYR C 83 -36.90 -27.50 4.32
C TYR C 83 -36.30 -26.51 5.30
N GLU C 84 -37.15 -25.73 5.94
CA GLU C 84 -36.67 -24.77 6.90
C GLU C 84 -36.52 -25.49 8.23
N GLU C 85 -37.56 -26.18 8.68
CA GLU C 85 -37.47 -26.90 9.96
C GLU C 85 -36.60 -28.11 9.71
N PHE C 86 -35.73 -28.02 8.73
CA PHE C 86 -34.80 -29.08 8.38
C PHE C 86 -33.42 -28.61 8.77
N GLU C 87 -32.91 -27.62 8.03
CA GLU C 87 -31.59 -27.04 8.28
C GLU C 87 -31.25 -26.87 9.76
N GLU C 88 -32.09 -26.15 10.49
CA GLU C 88 -31.85 -25.92 11.91
C GLU C 88 -31.58 -27.22 12.66
N ILE C 89 -32.38 -28.25 12.36
CA ILE C 89 -32.23 -29.55 12.99
C ILE C 89 -30.94 -30.22 12.57
N LEU C 90 -30.50 -29.92 11.35
CA LEU C 90 -29.28 -30.49 10.84
C LEU C 90 -28.09 -29.82 11.51
N PHE C 91 -28.04 -28.49 11.38
CA PHE C 91 -26.95 -27.73 11.97
C PHE C 91 -26.75 -28.15 13.41
N ALA C 92 -27.86 -28.43 14.08
CA ALA C 92 -27.84 -28.82 15.47
C ALA C 92 -27.29 -30.20 15.75
N ILE C 93 -27.44 -31.13 14.82
CA ILE C 93 -26.97 -32.49 15.05
C ILE C 93 -25.93 -32.97 14.06
N LEU C 94 -25.46 -32.07 13.21
CA LEU C 94 -24.49 -32.43 12.19
C LEU C 94 -23.10 -32.81 12.69
N PRO C 95 -22.61 -32.18 13.78
CA PRO C 95 -21.29 -32.55 14.25
C PRO C 95 -21.18 -34.01 14.71
N ARG C 96 -22.30 -34.60 15.11
CA ARG C 96 -22.28 -36.00 15.54
C ARG C 96 -21.91 -36.89 14.37
N TYR C 97 -21.98 -36.35 13.16
CA TYR C 97 -21.70 -37.14 11.97
C TYR C 97 -20.50 -36.68 11.18
N ALA C 98 -19.67 -35.84 11.77
CA ALA C 98 -18.48 -35.38 11.07
C ALA C 98 -17.24 -36.11 11.59
N SER C 99 -17.44 -37.33 12.04
CA SER C 99 -16.35 -38.16 12.59
C SER C 99 -15.78 -39.02 11.48
N PRO C 100 -14.49 -38.82 11.13
CA PRO C 100 -13.82 -39.58 10.08
C PRO C 100 -13.92 -41.11 10.19
N ILE C 101 -14.30 -41.72 9.09
CA ILE C 101 -14.47 -43.15 8.99
C ILE C 101 -13.19 -43.89 9.26
N ASN C 102 -13.27 -44.94 10.08
CA ASN C 102 -12.10 -45.76 10.40
C ASN C 102 -11.53 -46.22 9.07
N ALA C 103 -10.31 -45.79 8.78
CA ALA C 103 -9.63 -46.14 7.54
C ALA C 103 -9.05 -44.93 6.80
N VAL C 104 -9.94 -44.00 6.47
CA VAL C 104 -9.60 -42.82 5.72
C VAL C 104 -8.48 -41.94 6.29
N LYS C 105 -8.47 -41.76 7.60
CA LYS C 105 -7.42 -40.94 8.20
C LYS C 105 -6.05 -41.53 7.81
N GLU C 106 -5.88 -42.81 8.13
CA GLU C 106 -4.66 -43.56 7.86
C GLU C 106 -4.26 -43.65 6.40
N VAL C 107 -5.21 -43.43 5.49
CA VAL C 107 -4.94 -43.50 4.04
C VAL C 107 -4.53 -42.17 3.44
N ILE C 108 -5.15 -41.09 3.90
CA ILE C 108 -4.81 -39.77 3.39
C ILE C 108 -3.33 -39.52 3.65
N ALA C 109 -2.89 -39.93 4.84
CA ALA C 109 -1.50 -39.75 5.25
C ALA C 109 -0.56 -40.35 4.23
N SER C 110 -0.93 -41.53 3.73
CA SER C 110 -0.15 -42.28 2.77
C SER C 110 -0.10 -41.65 1.37
N LEU C 111 -1.17 -40.99 0.95
CA LEU C 111 -1.17 -40.32 -0.34
C LEU C 111 -0.29 -39.11 -0.15
N ARG C 112 -0.51 -38.45 0.99
CA ARG C 112 0.23 -37.26 1.39
C ARG C 112 1.72 -37.51 1.33
N GLU C 113 2.14 -38.69 1.83
CA GLU C 113 3.55 -39.04 1.83
C GLU C 113 4.05 -39.09 0.38
N ARG C 114 3.18 -39.46 -0.54
CA ARG C 114 3.54 -39.55 -1.96
C ARG C 114 3.45 -38.23 -2.73
N GLY C 115 2.98 -37.18 -2.05
CA GLY C 115 2.88 -35.88 -2.67
C GLY C 115 1.64 -35.70 -3.50
N ILE C 116 0.55 -36.35 -3.11
CA ILE C 116 -0.70 -36.25 -3.85
C ILE C 116 -1.62 -35.24 -3.19
N LYS C 117 -1.89 -34.12 -3.88
CA LYS C 117 -2.76 -33.09 -3.32
C LYS C 117 -4.17 -33.64 -3.07
N ILE C 118 -4.70 -33.45 -1.88
CA ILE C 118 -6.03 -33.93 -1.53
C ILE C 118 -7.10 -32.85 -1.68
N GLY C 119 -8.17 -33.16 -2.38
CA GLY C 119 -9.24 -32.19 -2.58
C GLY C 119 -10.56 -32.80 -2.15
N SER C 120 -11.68 -32.14 -2.46
CA SER C 120 -12.99 -32.68 -2.12
C SER C 120 -14.10 -31.79 -2.65
N THR C 121 -15.26 -32.40 -2.89
CA THR C 121 -16.44 -31.69 -3.36
C THR C 121 -17.54 -32.18 -2.44
N THR C 122 -18.76 -31.70 -2.59
CA THR C 122 -19.81 -32.15 -1.70
C THR C 122 -21.19 -31.66 -2.16
N GLY C 123 -22.18 -31.89 -1.30
CA GLY C 123 -23.55 -31.47 -1.57
C GLY C 123 -23.96 -30.54 -0.43
N TYR C 124 -23.44 -30.82 0.76
CA TYR C 124 -23.72 -29.99 1.92
C TYR C 124 -23.39 -28.58 1.49
N THR C 125 -24.21 -27.62 1.91
CA THR C 125 -24.05 -26.22 1.59
C THR C 125 -22.96 -25.62 2.46
N ARG C 126 -22.35 -24.54 2.00
CA ARG C 126 -21.29 -23.89 2.75
C ARG C 126 -21.73 -23.67 4.17
N GLU C 127 -22.98 -23.30 4.36
CA GLU C 127 -23.51 -23.08 5.70
C GLU C 127 -23.26 -24.32 6.55
N MET C 128 -23.38 -25.50 5.95
CA MET C 128 -23.20 -26.78 6.64
C MET C 128 -21.78 -27.33 6.60
N MET C 129 -21.15 -27.30 5.42
CA MET C 129 -19.80 -27.81 5.28
C MET C 129 -18.88 -27.17 6.26
N ASP C 130 -19.09 -25.88 6.50
CA ASP C 130 -18.28 -25.16 7.45
C ASP C 130 -18.34 -25.81 8.82
N ILE C 131 -19.52 -26.31 9.20
CA ILE C 131 -19.70 -26.99 10.48
C ILE C 131 -19.07 -28.36 10.42
N VAL C 132 -19.54 -29.17 9.48
CA VAL C 132 -19.04 -30.51 9.31
C VAL C 132 -17.53 -30.48 9.26
N ALA C 133 -17.00 -29.64 8.37
CA ALA C 133 -15.56 -29.52 8.22
C ALA C 133 -14.88 -29.24 9.57
N LYS C 134 -15.18 -28.09 10.17
CA LYS C 134 -14.59 -27.69 11.46
C LYS C 134 -14.47 -28.87 12.42
N GLU C 135 -15.49 -29.70 12.50
CA GLU C 135 -15.42 -30.84 13.39
C GLU C 135 -14.39 -31.79 12.83
N ALA C 136 -14.56 -32.15 11.56
CA ALA C 136 -13.66 -33.07 10.88
C ALA C 136 -12.19 -32.73 11.10
N ALA C 137 -11.86 -31.44 10.99
CA ALA C 137 -10.48 -31.02 11.19
C ALA C 137 -10.11 -31.40 12.60
N LEU C 138 -10.93 -30.94 13.55
CA LEU C 138 -10.71 -31.24 14.97
C LEU C 138 -10.46 -32.72 15.23
N GLN C 139 -10.81 -33.56 14.26
CA GLN C 139 -10.61 -35.00 14.41
C GLN C 139 -9.65 -35.59 13.39
N GLY C 140 -8.58 -34.84 13.11
CA GLY C 140 -7.54 -35.31 12.21
C GLY C 140 -7.81 -35.57 10.74
N TYR C 141 -8.74 -34.85 10.13
CA TYR C 141 -9.01 -35.01 8.72
C TYR C 141 -9.28 -33.67 8.05
N LYS C 142 -8.47 -33.30 7.08
CA LYS C 142 -8.65 -32.01 6.45
C LYS C 142 -8.02 -31.88 5.07
N PRO C 143 -8.80 -32.12 4.02
CA PRO C 143 -8.32 -32.03 2.65
C PRO C 143 -7.66 -30.71 2.37
N ASP C 144 -6.80 -30.70 1.35
CA ASP C 144 -6.04 -29.52 0.95
C ASP C 144 -6.95 -28.41 0.43
N PHE C 145 -8.10 -28.79 -0.11
CA PHE C 145 -9.04 -27.79 -0.60
C PHE C 145 -10.45 -28.31 -0.46
N LEU C 146 -11.38 -27.38 -0.35
CA LEU C 146 -12.79 -27.70 -0.21
C LEU C 146 -13.61 -26.88 -1.22
N VAL C 147 -14.78 -27.37 -1.58
CA VAL C 147 -15.64 -26.67 -2.52
C VAL C 147 -17.07 -27.11 -2.30
N THR C 148 -17.96 -26.14 -2.29
CA THR C 148 -19.36 -26.42 -2.10
C THR C 148 -20.13 -25.93 -3.32
N PRO C 149 -21.30 -26.55 -3.59
CA PRO C 149 -22.15 -26.19 -4.73
C PRO C 149 -22.33 -24.69 -4.83
N ASP C 150 -22.02 -23.99 -3.73
CA ASP C 150 -22.15 -22.54 -3.67
C ASP C 150 -20.93 -21.86 -4.28
N ASP C 151 -19.79 -22.53 -4.24
CA ASP C 151 -18.59 -21.94 -4.79
C ASP C 151 -18.74 -21.77 -6.29
N VAL C 152 -19.67 -22.52 -6.86
CA VAL C 152 -19.93 -22.50 -8.31
C VAL C 152 -21.40 -22.41 -8.71
N PRO C 153 -21.68 -22.18 -10.00
CA PRO C 153 -23.08 -22.08 -10.44
C PRO C 153 -23.93 -23.34 -10.19
N ALA C 154 -24.08 -24.18 -11.18
CA ALA C 154 -24.87 -25.39 -11.02
C ALA C 154 -24.31 -26.29 -9.91
N GLY C 155 -25.18 -27.16 -9.40
CA GLY C 155 -24.83 -28.08 -8.33
C GLY C 155 -23.86 -29.21 -8.63
N ARG C 156 -24.23 -30.42 -8.20
CA ARG C 156 -23.37 -31.58 -8.35
C ARG C 156 -23.18 -32.36 -9.63
N PRO C 157 -24.25 -32.92 -10.23
CA PRO C 157 -24.01 -33.70 -11.47
C PRO C 157 -22.98 -33.16 -12.47
N TYR C 158 -22.75 -31.84 -12.46
CA TYR C 158 -21.78 -31.17 -13.35
C TYR C 158 -20.33 -31.29 -12.86
N PRO C 159 -19.36 -30.98 -13.72
CA PRO C 159 -17.96 -31.09 -13.31
C PRO C 159 -17.37 -29.85 -12.65
N TRP C 160 -18.18 -28.80 -12.56
CA TRP C 160 -17.74 -27.53 -12.01
C TRP C 160 -16.97 -27.60 -10.70
N MET C 161 -17.42 -28.41 -9.74
CA MET C 161 -16.67 -28.44 -8.51
C MET C 161 -15.30 -29.09 -8.60
N CYS C 162 -15.09 -29.97 -9.56
CA CYS C 162 -13.81 -30.62 -9.71
C CYS C 162 -12.86 -29.71 -10.46
N TYR C 163 -13.40 -28.96 -11.41
CA TYR C 163 -12.62 -28.04 -12.22
C TYR C 163 -12.04 -26.98 -11.33
N LYS C 164 -12.72 -26.70 -10.23
CA LYS C 164 -12.24 -25.67 -9.32
C LYS C 164 -11.23 -26.23 -8.31
N ASN C 165 -11.30 -27.53 -8.01
CA ASN C 165 -10.33 -28.13 -7.11
C ASN C 165 -9.06 -28.18 -7.91
N ALA C 166 -9.13 -28.83 -9.07
CA ALA C 166 -7.98 -28.95 -9.96
C ALA C 166 -7.24 -27.62 -10.09
N MET C 167 -8.02 -26.59 -10.36
CA MET C 167 -7.51 -25.24 -10.51
C MET C 167 -6.76 -24.78 -9.27
N GLU C 168 -7.25 -25.17 -8.10
CA GLU C 168 -6.66 -24.77 -6.82
C GLU C 168 -5.56 -25.66 -6.26
N LEU C 169 -5.67 -26.96 -6.49
CA LEU C 169 -4.65 -27.90 -6.04
C LEU C 169 -3.49 -27.74 -6.96
N GLY C 170 -3.81 -27.43 -8.22
CA GLY C 170 -2.77 -27.26 -9.23
C GLY C 170 -2.42 -28.59 -9.85
N VAL C 171 -3.34 -29.14 -10.63
CA VAL C 171 -3.10 -30.40 -11.31
C VAL C 171 -3.68 -30.21 -12.72
N TYR C 172 -2.89 -30.49 -13.74
CA TYR C 172 -3.36 -30.26 -15.10
C TYR C 172 -4.49 -31.13 -15.64
N PRO C 173 -4.13 -32.22 -16.33
CA PRO C 173 -5.17 -33.08 -16.91
C PRO C 173 -6.18 -33.49 -15.86
N MET C 174 -7.47 -33.46 -16.20
CA MET C 174 -8.47 -33.90 -15.25
C MET C 174 -8.17 -35.36 -14.97
N ASN C 175 -7.56 -36.04 -15.94
CA ASN C 175 -7.23 -37.45 -15.80
C ASN C 175 -5.95 -37.77 -15.05
N HIS C 176 -5.47 -36.83 -14.25
CA HIS C 176 -4.31 -37.06 -13.39
C HIS C 176 -4.97 -36.93 -12.02
N MET C 177 -6.28 -37.16 -12.00
CA MET C 177 -7.03 -37.03 -10.78
C MET C 177 -8.05 -38.15 -10.62
N ILE C 178 -8.15 -38.66 -9.41
CA ILE C 178 -9.08 -39.74 -9.07
C ILE C 178 -10.19 -39.18 -8.20
N LYS C 179 -11.44 -39.40 -8.59
CA LYS C 179 -12.57 -38.93 -7.81
C LYS C 179 -13.15 -40.13 -7.05
N VAL C 180 -13.25 -40.03 -5.74
CA VAL C 180 -13.78 -41.13 -4.96
C VAL C 180 -15.12 -40.73 -4.31
N GLY C 181 -16.14 -41.56 -4.52
CA GLY C 181 -17.44 -41.24 -3.97
C GLY C 181 -18.25 -42.43 -3.52
N ASP C 182 -19.38 -42.14 -2.89
CA ASP C 182 -20.24 -43.19 -2.37
C ASP C 182 -21.62 -43.19 -3.02
N THR C 183 -21.75 -42.53 -4.17
CA THR C 183 -23.06 -42.47 -4.82
C THR C 183 -23.05 -42.57 -6.33
N VAL C 184 -24.23 -42.84 -6.87
CA VAL C 184 -24.45 -42.96 -8.31
C VAL C 184 -24.09 -41.63 -8.96
N SER C 185 -24.68 -40.58 -8.43
CA SER C 185 -24.44 -39.25 -8.94
C SER C 185 -22.99 -38.85 -8.74
N ASP C 186 -22.35 -39.45 -7.75
CA ASP C 186 -20.95 -39.14 -7.50
C ASP C 186 -20.05 -39.58 -8.64
N MET C 187 -20.47 -40.65 -9.29
CA MET C 187 -19.73 -41.19 -10.42
C MET C 187 -19.84 -40.25 -11.60
N LYS C 188 -21.06 -39.82 -11.88
CA LYS C 188 -21.33 -38.91 -12.97
C LYS C 188 -20.40 -37.69 -12.90
N GLU C 189 -20.33 -37.08 -11.72
CA GLU C 189 -19.49 -35.90 -11.47
C GLU C 189 -18.05 -36.12 -11.91
N GLY C 190 -17.56 -37.34 -11.72
CA GLY C 190 -16.19 -37.66 -12.09
C GLY C 190 -16.03 -37.87 -13.57
N ARG C 191 -16.92 -38.66 -14.15
CA ARG C 191 -16.86 -38.92 -15.58
C ARG C 191 -16.92 -37.59 -16.27
N ASN C 192 -17.96 -36.81 -15.98
CA ASN C 192 -18.09 -35.51 -16.60
C ASN C 192 -16.83 -34.68 -16.39
N ALA C 193 -16.24 -34.81 -15.22
CA ALA C 193 -15.01 -34.11 -14.91
C ALA C 193 -13.91 -34.69 -15.81
N GLY C 194 -14.16 -35.87 -16.37
CA GLY C 194 -13.20 -36.52 -17.25
C GLY C 194 -12.05 -37.15 -16.51
N MET C 195 -12.29 -37.52 -15.26
CA MET C 195 -11.27 -38.11 -14.42
C MET C 195 -11.64 -39.52 -13.97
N TRP C 196 -10.65 -40.40 -13.84
CA TRP C 196 -10.87 -41.78 -13.42
C TRP C 196 -11.80 -41.84 -12.24
N THR C 197 -12.90 -42.56 -12.37
CA THR C 197 -13.87 -42.64 -11.29
C THR C 197 -13.84 -43.91 -10.45
N VAL C 198 -13.84 -43.74 -9.14
CA VAL C 198 -13.83 -44.85 -8.22
C VAL C 198 -14.99 -44.81 -7.24
N GLY C 199 -15.50 -45.98 -6.90
CA GLY C 199 -16.60 -46.04 -5.96
C GLY C 199 -16.29 -46.85 -4.72
N VAL C 200 -16.59 -46.27 -3.56
CA VAL C 200 -16.40 -46.94 -2.28
C VAL C 200 -17.76 -47.45 -1.84
N ILE C 201 -17.82 -48.71 -1.44
CA ILE C 201 -19.06 -49.36 -1.04
C ILE C 201 -19.40 -49.38 0.45
N LEU C 202 -18.56 -50.01 1.28
CA LEU C 202 -18.80 -50.06 2.73
C LEU C 202 -18.50 -48.67 3.30
N GLY C 203 -19.53 -47.84 3.31
CA GLY C 203 -19.44 -46.48 3.78
C GLY C 203 -20.83 -46.11 3.34
N SER C 204 -21.51 -47.19 2.99
CA SER C 204 -22.88 -47.19 2.56
C SER C 204 -23.36 -46.11 1.61
N SER C 205 -24.50 -45.55 2.01
CA SER C 205 -25.27 -44.53 1.32
C SER C 205 -26.03 -45.34 0.29
N GLU C 206 -25.33 -45.80 -0.74
CA GLU C 206 -25.98 -46.63 -1.74
C GLU C 206 -26.24 -47.96 -1.04
N LEU C 207 -25.42 -48.26 -0.03
CA LEU C 207 -25.54 -49.50 0.75
C LEU C 207 -26.55 -49.30 1.91
N GLY C 208 -26.33 -48.30 2.75
CA GLY C 208 -27.27 -48.02 3.83
C GLY C 208 -27.28 -48.85 5.09
N LEU C 209 -26.10 -49.26 5.55
CA LEU C 209 -25.99 -50.05 6.77
C LEU C 209 -25.10 -49.32 7.76
N THR C 210 -24.93 -49.88 8.95
CA THR C 210 -24.10 -49.31 10.01
C THR C 210 -23.33 -50.46 10.69
N GLU C 211 -22.42 -50.13 11.60
CA GLU C 211 -21.67 -51.18 12.29
C GLU C 211 -22.56 -51.85 13.33
N GLU C 212 -23.33 -52.85 12.89
CA GLU C 212 -24.24 -53.61 13.74
C GLU C 212 -25.20 -54.32 12.81
N GLU C 213 -24.81 -54.35 11.54
CA GLU C 213 -25.54 -54.99 10.47
C GLU C 213 -24.56 -55.01 9.30
N VAL C 214 -23.29 -55.00 9.67
CA VAL C 214 -22.16 -55.02 8.76
C VAL C 214 -21.06 -55.67 9.57
N GLU C 215 -20.82 -55.05 10.72
CA GLU C 215 -19.82 -55.51 11.67
C GLU C 215 -20.40 -56.75 12.35
N ASN C 216 -21.67 -57.04 12.04
CA ASN C 216 -22.34 -58.19 12.61
C ASN C 216 -23.49 -58.68 11.73
N MET C 217 -23.34 -58.52 10.42
CA MET C 217 -24.36 -58.97 9.49
C MET C 217 -23.86 -60.28 8.90
N ASP C 218 -24.75 -61.25 8.77
CA ASP C 218 -24.34 -62.56 8.26
C ASP C 218 -23.78 -62.55 6.84
N SER C 219 -22.65 -63.24 6.71
CA SER C 219 -21.88 -63.37 5.49
C SER C 219 -22.63 -63.49 4.17
N VAL C 220 -23.37 -64.59 4.00
CA VAL C 220 -24.12 -64.80 2.77
C VAL C 220 -25.07 -63.65 2.45
N GLU C 221 -25.54 -62.95 3.47
CA GLU C 221 -26.46 -61.84 3.26
C GLU C 221 -25.72 -60.55 2.94
N LEU C 222 -24.78 -60.17 3.79
CA LEU C 222 -24.01 -58.96 3.56
C LEU C 222 -23.52 -58.96 2.12
N ARG C 223 -22.86 -60.04 1.70
CA ARG C 223 -22.35 -60.13 0.34
C ARG C 223 -23.45 -59.95 -0.72
N GLU C 224 -24.49 -60.78 -0.64
CA GLU C 224 -25.57 -60.67 -1.61
C GLU C 224 -25.96 -59.20 -1.65
N LYS C 225 -25.83 -58.52 -0.52
CA LYS C 225 -26.19 -57.11 -0.38
C LYS C 225 -25.18 -56.15 -0.98
N ILE C 226 -23.91 -56.52 -0.89
CA ILE C 226 -22.83 -55.70 -1.44
C ILE C 226 -22.88 -55.71 -2.96
N GLU C 227 -22.79 -56.90 -3.55
CA GLU C 227 -22.80 -57.04 -5.01
C GLU C 227 -23.78 -56.09 -5.71
N VAL C 228 -24.99 -55.94 -5.17
CA VAL C 228 -25.98 -55.07 -5.78
C VAL C 228 -25.48 -53.64 -5.87
N VAL C 229 -24.81 -53.18 -4.82
CA VAL C 229 -24.31 -51.84 -4.81
C VAL C 229 -23.20 -51.72 -5.84
N ARG C 230 -22.31 -52.72 -5.86
CA ARG C 230 -21.19 -52.76 -6.79
C ARG C 230 -21.67 -52.70 -8.23
N ASN C 231 -22.82 -53.32 -8.50
CA ASN C 231 -23.36 -53.31 -9.83
C ASN C 231 -23.92 -51.96 -10.17
N ARG C 232 -24.77 -51.43 -9.32
CA ARG C 232 -25.37 -50.13 -9.58
C ARG C 232 -24.27 -49.15 -9.97
N PHE C 233 -23.11 -49.31 -9.32
CA PHE C 233 -21.96 -48.47 -9.56
C PHE C 233 -21.47 -48.67 -10.98
N VAL C 234 -20.85 -49.82 -11.22
CA VAL C 234 -20.32 -50.16 -12.55
C VAL C 234 -21.26 -49.76 -13.67
N GLU C 235 -22.56 -49.82 -13.41
CA GLU C 235 -23.52 -49.44 -14.42
C GLU C 235 -23.52 -47.94 -14.63
N ASN C 236 -23.61 -47.19 -13.53
CA ASN C 236 -23.64 -45.74 -13.65
C ASN C 236 -22.33 -45.04 -14.03
N GLY C 237 -21.34 -45.81 -14.45
CA GLY C 237 -20.11 -45.18 -14.91
C GLY C 237 -18.80 -45.15 -14.14
N ALA C 238 -18.63 -45.99 -13.12
CA ALA C 238 -17.38 -45.98 -12.37
C ALA C 238 -16.35 -46.93 -12.99
N HIS C 239 -15.09 -46.53 -12.94
CA HIS C 239 -14.02 -47.35 -13.50
C HIS C 239 -13.67 -48.45 -12.54
N PHE C 240 -13.70 -48.15 -11.25
CA PHE C 240 -13.40 -49.14 -10.24
C PHE C 240 -14.35 -49.08 -9.07
N THR C 241 -14.26 -50.09 -8.23
CA THR C 241 -15.10 -50.19 -7.06
C THR C 241 -14.28 -50.86 -6.00
N ILE C 242 -14.28 -50.30 -4.81
CA ILE C 242 -13.52 -50.88 -3.72
C ILE C 242 -14.40 -50.99 -2.48
N GLU C 243 -14.33 -52.12 -1.78
CA GLU C 243 -15.16 -52.29 -0.61
C GLU C 243 -14.72 -51.31 0.47
N THR C 244 -13.45 -50.89 0.44
CA THR C 244 -12.98 -49.93 1.41
C THR C 244 -11.93 -49.01 0.87
N MET C 245 -11.76 -47.89 1.56
CA MET C 245 -10.80 -46.87 1.19
C MET C 245 -9.38 -47.42 1.08
N GLN C 246 -9.14 -48.58 1.67
CA GLN C 246 -7.82 -49.18 1.64
C GLN C 246 -7.35 -49.46 0.22
N GLU C 247 -8.14 -50.22 -0.53
CA GLU C 247 -7.80 -50.56 -1.91
C GLU C 247 -7.38 -49.36 -2.73
N LEU C 248 -7.95 -48.20 -2.42
CA LEU C 248 -7.67 -46.98 -3.18
C LEU C 248 -6.28 -46.79 -3.77
N GLU C 249 -5.24 -47.23 -3.06
CA GLU C 249 -3.89 -47.07 -3.59
C GLU C 249 -3.49 -48.19 -4.57
N SER C 250 -4.14 -49.35 -4.41
CA SER C 250 -3.91 -50.50 -5.27
C SER C 250 -4.51 -50.15 -6.63
N VAL C 251 -5.58 -49.37 -6.60
CA VAL C 251 -6.26 -48.93 -7.81
C VAL C 251 -5.45 -47.82 -8.48
N MET C 252 -4.99 -46.85 -7.69
CA MET C 252 -4.20 -45.76 -8.24
C MET C 252 -3.03 -46.41 -8.94
N GLU C 253 -2.58 -47.52 -8.38
CA GLU C 253 -1.45 -48.30 -8.90
C GLU C 253 -1.82 -49.01 -10.20
N HIS C 254 -2.99 -49.65 -10.21
CA HIS C 254 -3.50 -50.35 -11.38
C HIS C 254 -3.67 -49.34 -12.51
N ILE C 255 -4.10 -48.13 -12.16
CA ILE C 255 -4.31 -47.07 -13.15
C ILE C 255 -2.97 -46.60 -13.72
N GLU C 256 -1.86 -47.09 -13.18
CA GLU C 256 -0.57 -46.67 -13.70
C GLU C 256 0.27 -47.85 -14.19
N LYS D 1 -20.28 -33.93 -31.54
CA LYS D 1 -19.28 -33.24 -30.67
C LYS D 1 -19.19 -31.74 -30.94
N ILE D 2 -18.36 -31.06 -30.17
CA ILE D 2 -18.13 -29.62 -30.30
C ILE D 2 -19.36 -28.78 -29.95
N GLU D 3 -19.34 -28.20 -28.76
CA GLU D 3 -20.45 -27.39 -28.32
C GLU D 3 -19.99 -25.97 -28.06
N ALA D 4 -18.68 -25.75 -28.19
CA ALA D 4 -18.08 -24.44 -27.97
C ALA D 4 -16.64 -24.25 -28.50
N VAL D 5 -16.35 -23.04 -28.96
CA VAL D 5 -15.00 -22.68 -29.45
C VAL D 5 -14.46 -21.60 -28.50
N ILE D 6 -13.16 -21.59 -28.25
CA ILE D 6 -12.53 -20.60 -27.36
C ILE D 6 -11.38 -19.87 -28.08
N PHE D 7 -11.57 -18.56 -28.31
CA PHE D 7 -10.59 -17.74 -29.03
C PHE D 7 -9.57 -16.89 -28.27
N ASP D 8 -8.32 -16.92 -28.75
CA ASP D 8 -7.24 -16.09 -28.21
C ASP D 8 -7.72 -14.70 -28.66
N TRP D 9 -7.12 -13.62 -28.20
CA TRP D 9 -7.58 -12.32 -28.69
C TRP D 9 -6.60 -11.73 -29.70
N ALA D 10 -5.65 -10.95 -29.20
CA ALA D 10 -4.66 -10.28 -30.04
C ALA D 10 -3.78 -11.24 -30.83
N GLY D 11 -4.21 -11.58 -32.05
CA GLY D 11 -3.46 -12.48 -32.90
C GLY D 11 -4.34 -13.51 -33.59
N THR D 12 -5.45 -13.84 -32.95
CA THR D 12 -6.39 -14.81 -33.50
C THR D 12 -7.61 -14.11 -34.07
N THR D 13 -8.15 -13.14 -33.34
CA THR D 13 -9.33 -12.42 -33.79
C THR D 13 -9.09 -10.95 -33.99
N VAL D 14 -8.24 -10.35 -33.15
CA VAL D 14 -7.95 -8.92 -33.27
C VAL D 14 -6.45 -8.67 -33.43
N ASP D 15 -6.07 -7.52 -33.97
CA ASP D 15 -4.66 -7.18 -34.16
C ASP D 15 -3.88 -8.23 -34.95
N TYR D 16 -3.84 -8.06 -36.27
CA TYR D 16 -3.14 -8.97 -37.17
C TYR D 16 -1.64 -8.85 -36.95
N GLY D 17 -0.99 -9.97 -36.69
CA GLY D 17 0.43 -9.95 -36.46
C GLY D 17 0.74 -9.81 -34.98
N CYS D 18 -0.26 -9.38 -34.22
CA CYS D 18 -0.09 -9.19 -32.78
C CYS D 18 1.02 -8.15 -32.59
N PHE D 19 0.74 -6.91 -32.99
CA PHE D 19 1.71 -5.82 -32.92
C PHE D 19 1.65 -4.83 -31.75
N ALA D 20 0.51 -4.73 -31.09
CA ALA D 20 0.39 -3.79 -29.98
C ALA D 20 1.58 -3.83 -29.00
N PRO D 21 1.78 -4.96 -28.29
CA PRO D 21 2.87 -5.14 -27.31
C PRO D 21 4.30 -5.13 -27.85
N LEU D 22 4.47 -5.46 -29.12
CA LEU D 22 5.81 -5.58 -29.72
C LEU D 22 6.87 -4.53 -29.45
N GLU D 23 6.81 -3.37 -30.10
CA GLU D 23 7.86 -2.40 -29.89
C GLU D 23 8.06 -2.08 -28.41
N VAL D 24 6.96 -2.01 -27.66
CA VAL D 24 7.02 -1.68 -26.24
C VAL D 24 7.98 -2.61 -25.48
N PHE D 25 7.79 -3.92 -25.62
CA PHE D 25 8.70 -4.87 -24.97
C PHE D 25 10.13 -4.51 -25.32
N MET D 26 10.34 -4.09 -26.57
CA MET D 26 11.67 -3.72 -27.00
C MET D 26 12.07 -2.39 -26.39
N GLU D 27 11.14 -1.44 -26.33
CA GLU D 27 11.44 -0.12 -25.77
C GLU D 27 12.02 -0.11 -24.37
N ILE D 28 11.28 -0.68 -23.42
CA ILE D 28 11.73 -0.72 -22.04
C ILE D 28 13.14 -1.29 -21.90
N PHE D 29 13.43 -2.36 -22.63
CA PHE D 29 14.76 -2.98 -22.59
C PHE D 29 15.83 -2.09 -23.24
N HIS D 30 15.44 -1.30 -24.23
CA HIS D 30 16.39 -0.45 -24.92
C HIS D 30 16.81 0.76 -24.10
N LYS D 31 15.95 1.20 -23.18
CA LYS D 31 16.26 2.34 -22.34
C LYS D 31 17.32 1.95 -21.31
N ARG D 32 17.48 0.65 -21.09
CA ARG D 32 18.47 0.16 -20.14
C ARG D 32 19.77 -0.11 -20.86
N GLY D 33 19.69 -0.14 -22.19
CA GLY D 33 20.85 -0.37 -23.01
C GLY D 33 21.04 -1.84 -23.35
N VAL D 34 19.97 -2.63 -23.24
CA VAL D 34 20.06 -4.05 -23.54
C VAL D 34 19.91 -4.35 -25.02
N ALA D 35 18.75 -4.04 -25.58
CA ALA D 35 18.50 -4.30 -27.01
C ALA D 35 18.32 -5.78 -27.28
N ILE D 36 17.12 -6.15 -27.70
CA ILE D 36 16.79 -7.54 -28.01
C ILE D 36 16.13 -7.53 -29.38
N THR D 37 16.04 -8.69 -30.03
CA THR D 37 15.42 -8.75 -31.35
C THR D 37 13.88 -8.87 -31.28
N ALA D 38 13.23 -8.40 -32.34
CA ALA D 38 11.79 -8.46 -32.45
C ALA D 38 11.37 -9.91 -32.36
N GLU D 39 12.37 -10.79 -32.41
CA GLU D 39 12.13 -12.21 -32.34
C GLU D 39 11.96 -12.66 -30.89
N GLU D 40 13.01 -12.47 -30.10
CA GLU D 40 13.01 -12.85 -28.69
C GLU D 40 11.84 -12.24 -27.98
N ALA D 41 11.65 -10.95 -28.24
CA ALA D 41 10.58 -10.18 -27.62
C ALA D 41 9.20 -10.61 -28.10
N ARG D 42 9.13 -11.78 -28.71
CA ARG D 42 7.86 -12.28 -29.21
C ARG D 42 7.77 -13.79 -28.96
N LYS D 43 8.75 -14.33 -28.25
CA LYS D 43 8.78 -15.76 -27.97
C LYS D 43 7.67 -16.19 -27.01
N PRO D 44 7.63 -15.60 -25.78
CA PRO D 44 6.61 -15.93 -24.79
C PRO D 44 5.30 -15.16 -24.93
N MET D 45 5.00 -14.68 -26.14
CA MET D 45 3.75 -13.95 -26.38
C MET D 45 2.63 -14.90 -25.98
N GLY D 46 1.69 -14.42 -25.18
CA GLY D 46 0.59 -15.26 -24.76
C GLY D 46 0.40 -15.17 -23.28
N LEU D 47 1.51 -15.08 -22.57
CA LEU D 47 1.53 -14.99 -21.11
C LEU D 47 1.04 -13.66 -20.56
N LEU D 48 0.71 -13.67 -19.28
CA LEU D 48 0.26 -12.48 -18.60
C LEU D 48 1.40 -11.49 -18.74
N LYS D 49 1.07 -10.33 -19.29
CA LYS D 49 2.02 -9.25 -19.53
C LYS D 49 3.24 -9.19 -18.63
N ILE D 50 3.03 -9.18 -17.32
CA ILE D 50 4.14 -9.11 -16.38
C ILE D 50 5.05 -10.36 -16.48
N ASP D 51 4.44 -11.52 -16.73
CA ASP D 51 5.16 -12.78 -16.85
C ASP D 51 6.02 -12.75 -18.10
N HIS D 52 5.44 -12.15 -19.13
CA HIS D 52 6.08 -11.97 -20.42
C HIS D 52 7.34 -11.15 -20.18
N VAL D 53 7.23 -10.08 -19.39
CA VAL D 53 8.39 -9.25 -19.09
C VAL D 53 9.41 -10.11 -18.36
N ARG D 54 8.95 -10.76 -17.30
CA ARG D 54 9.81 -11.59 -16.48
C ARG D 54 10.55 -12.64 -17.31
N ALA D 55 9.87 -13.24 -18.28
CA ALA D 55 10.49 -14.24 -19.14
C ALA D 55 11.62 -13.68 -19.99
N LEU D 56 11.46 -12.43 -20.44
CA LEU D 56 12.47 -11.76 -21.27
C LEU D 56 13.78 -11.59 -20.51
N THR D 57 13.69 -11.25 -19.23
CA THR D 57 14.87 -11.08 -18.41
C THR D 57 15.53 -12.41 -18.10
N GLU D 58 14.83 -13.50 -18.41
CA GLU D 58 15.33 -14.83 -18.13
C GLU D 58 16.01 -15.57 -19.25
N MET D 59 15.79 -15.15 -20.49
CA MET D 59 16.44 -15.81 -21.62
C MET D 59 17.93 -15.55 -21.40
N PRO D 60 18.78 -16.56 -21.69
CA PRO D 60 20.23 -16.44 -21.51
C PRO D 60 20.84 -15.18 -22.12
N ARG D 61 20.72 -15.03 -23.43
CA ARG D 61 21.32 -13.85 -24.06
C ARG D 61 20.91 -12.61 -23.29
N ILE D 62 19.64 -12.24 -23.37
CA ILE D 62 19.14 -11.07 -22.65
C ILE D 62 19.68 -11.04 -21.22
N ALA D 63 19.34 -12.07 -20.47
CA ALA D 63 19.77 -12.20 -19.08
C ALA D 63 21.27 -12.07 -18.94
N SER D 64 22.00 -12.43 -19.98
CA SER D 64 23.44 -12.32 -19.91
C SER D 64 23.82 -10.89 -20.26
N GLU D 65 23.45 -10.48 -21.47
CA GLU D 65 23.71 -9.14 -21.96
C GLU D 65 23.50 -8.19 -20.80
N TRP D 66 22.38 -8.37 -20.11
CA TRP D 66 22.06 -7.53 -18.97
C TRP D 66 23.24 -7.47 -18.03
N ASN D 67 23.63 -8.64 -17.54
CA ASN D 67 24.74 -8.74 -16.60
C ASN D 67 25.94 -7.97 -17.09
N ARG D 68 26.17 -7.99 -18.38
CA ARG D 68 27.33 -7.31 -18.93
C ARG D 68 27.28 -5.79 -18.79
N VAL D 69 26.11 -5.25 -18.51
CA VAL D 69 26.02 -3.81 -18.39
C VAL D 69 25.82 -3.34 -16.96
N PHE D 70 25.10 -4.12 -16.18
CA PHE D 70 24.84 -3.74 -14.80
C PHE D 70 25.70 -4.58 -13.84
N ARG D 71 26.47 -5.50 -14.41
CA ARG D 71 27.34 -6.37 -13.63
C ARG D 71 26.51 -7.18 -12.63
N GLN D 72 25.38 -7.73 -13.08
CA GLN D 72 24.50 -8.52 -12.21
C GLN D 72 23.19 -8.79 -12.94
N LEU D 73 22.61 -9.96 -12.69
CA LEU D 73 21.36 -10.32 -13.34
C LEU D 73 20.22 -9.42 -12.86
N PRO D 74 19.12 -9.36 -13.62
CA PRO D 74 17.94 -8.54 -13.33
C PRO D 74 17.17 -8.86 -12.03
N THR D 75 16.85 -7.81 -11.27
CA THR D 75 16.12 -7.88 -9.99
C THR D 75 14.62 -7.71 -10.16
N GLU D 76 13.86 -8.08 -9.13
CA GLU D 76 12.42 -7.89 -9.18
C GLU D 76 12.21 -6.39 -9.34
N ALA D 77 13.00 -5.62 -8.60
CA ALA D 77 12.90 -4.17 -8.68
C ALA D 77 12.88 -3.77 -10.14
N ASP D 78 13.91 -4.18 -10.86
CA ASP D 78 14.05 -3.88 -12.28
C ASP D 78 12.81 -4.26 -13.09
N ILE D 79 12.57 -5.56 -13.19
CA ILE D 79 11.43 -6.06 -13.94
C ILE D 79 10.16 -5.39 -13.46
N GLN D 80 10.05 -5.24 -12.15
CA GLN D 80 8.86 -4.61 -11.58
C GLN D 80 8.78 -3.19 -12.11
N GLU D 81 9.93 -2.55 -12.24
CA GLU D 81 10.00 -1.19 -12.75
C GLU D 81 9.72 -1.21 -14.24
N MET D 82 10.33 -2.15 -14.95
CA MET D 82 10.11 -2.27 -16.39
C MET D 82 8.64 -2.46 -16.71
N TYR D 83 7.94 -3.22 -15.89
CA TYR D 83 6.54 -3.46 -16.16
C TYR D 83 5.72 -2.19 -15.99
N GLU D 84 6.12 -1.36 -15.05
CA GLU D 84 5.42 -0.12 -14.78
C GLU D 84 5.52 0.82 -15.98
N GLU D 85 6.63 0.73 -16.70
CA GLU D 85 6.81 1.57 -17.88
C GLU D 85 5.96 1.02 -19.01
N PHE D 86 6.01 -0.29 -19.17
CA PHE D 86 5.25 -1.01 -20.20
C PHE D 86 3.77 -0.68 -20.03
N GLU D 87 3.30 -0.84 -18.79
CA GLU D 87 1.92 -0.61 -18.41
C GLU D 87 1.30 0.70 -18.88
N GLU D 88 2.07 1.78 -18.90
CA GLU D 88 1.50 3.05 -19.31
C GLU D 88 1.65 3.37 -20.78
N ILE D 89 2.74 2.90 -21.38
CA ILE D 89 2.91 3.14 -22.81
C ILE D 89 1.86 2.28 -23.53
N LEU D 90 2.00 0.96 -23.46
CA LEU D 90 1.03 0.08 -24.09
C LEU D 90 -0.40 0.58 -23.84
N PHE D 91 -0.68 1.00 -22.62
CA PHE D 91 -2.01 1.47 -22.23
C PHE D 91 -2.49 2.67 -23.03
N ALA D 92 -1.55 3.48 -23.51
CA ALA D 92 -1.87 4.67 -24.28
C ALA D 92 -2.22 4.41 -25.73
N ILE D 93 -1.44 3.55 -26.40
CA ILE D 93 -1.69 3.25 -27.81
C ILE D 93 -2.58 2.02 -28.02
N LEU D 94 -2.90 1.32 -26.94
CA LEU D 94 -3.72 0.09 -27.00
C LEU D 94 -5.04 0.22 -27.80
N PRO D 95 -5.62 1.42 -27.89
CA PRO D 95 -6.87 1.52 -28.65
C PRO D 95 -6.75 1.17 -30.14
N ARG D 96 -5.68 1.62 -30.79
CA ARG D 96 -5.51 1.34 -32.22
C ARG D 96 -5.54 -0.16 -32.51
N TYR D 97 -4.40 -0.81 -32.32
CA TYR D 97 -4.29 -2.26 -32.55
C TYR D 97 -5.44 -2.87 -31.78
N ALA D 98 -6.61 -2.96 -32.40
CA ALA D 98 -7.76 -3.50 -31.70
C ALA D 98 -8.85 -3.97 -32.64
N SER D 99 -8.80 -3.48 -33.86
CA SER D 99 -9.76 -3.85 -34.89
C SER D 99 -9.56 -5.33 -35.21
N PRO D 100 -10.66 -6.07 -35.44
CA PRO D 100 -10.66 -7.50 -35.75
C PRO D 100 -9.91 -7.82 -37.02
N ILE D 101 -9.26 -8.99 -37.04
CA ILE D 101 -8.50 -9.40 -38.22
C ILE D 101 -9.43 -9.81 -39.33
N ASN D 102 -9.05 -9.40 -40.53
CA ASN D 102 -9.82 -9.68 -41.73
C ASN D 102 -10.14 -11.16 -41.91
N ALA D 103 -11.39 -11.53 -41.58
CA ALA D 103 -11.91 -12.89 -41.71
C ALA D 103 -12.85 -13.36 -40.60
N VAL D 104 -12.31 -13.48 -39.40
CA VAL D 104 -13.08 -13.95 -38.24
C VAL D 104 -14.59 -13.72 -38.28
N LYS D 105 -15.02 -12.49 -38.06
CA LYS D 105 -16.44 -12.16 -38.03
C LYS D 105 -17.42 -13.09 -38.76
N GLU D 106 -17.18 -13.33 -40.04
CA GLU D 106 -18.07 -14.21 -40.80
C GLU D 106 -18.06 -15.59 -40.12
N VAL D 107 -16.86 -16.08 -39.80
CA VAL D 107 -16.69 -17.37 -39.13
C VAL D 107 -17.46 -17.46 -37.82
N ILE D 108 -17.40 -16.42 -37.00
CA ILE D 108 -18.14 -16.48 -35.76
C ILE D 108 -19.61 -16.52 -36.16
N ALA D 109 -19.96 -15.61 -37.08
CA ALA D 109 -21.34 -15.51 -37.60
C ALA D 109 -21.84 -16.89 -37.96
N SER D 110 -21.01 -17.63 -38.68
CA SER D 110 -21.36 -19.00 -39.07
C SER D 110 -21.46 -19.90 -37.83
N LEU D 111 -20.43 -19.87 -36.99
CA LEU D 111 -20.40 -20.69 -35.77
C LEU D 111 -21.62 -20.50 -34.88
N ARG D 112 -22.07 -19.26 -34.73
CA ARG D 112 -23.23 -19.06 -33.87
C ARG D 112 -24.49 -19.60 -34.51
N GLU D 113 -24.47 -19.78 -35.83
CA GLU D 113 -25.64 -20.32 -36.53
C GLU D 113 -25.89 -21.78 -36.18
N ARG D 114 -24.83 -22.58 -36.06
CA ARG D 114 -24.97 -23.99 -35.71
C ARG D 114 -25.03 -24.11 -34.18
N GLY D 115 -25.49 -23.04 -33.54
CA GLY D 115 -25.62 -23.01 -32.09
C GLY D 115 -24.36 -23.25 -31.27
N ILE D 116 -23.22 -22.74 -31.72
CA ILE D 116 -21.97 -22.93 -30.99
C ILE D 116 -21.54 -21.71 -30.18
N LYS D 117 -21.21 -21.93 -28.90
CA LYS D 117 -20.80 -20.83 -28.03
C LYS D 117 -19.37 -20.35 -28.26
N ILE D 118 -19.15 -19.05 -28.05
CA ILE D 118 -17.84 -18.46 -28.24
C ILE D 118 -17.29 -17.93 -26.94
N GLY D 119 -16.15 -18.48 -26.52
CA GLY D 119 -15.49 -18.04 -25.30
C GLY D 119 -14.30 -17.18 -25.67
N SER D 120 -13.41 -16.89 -24.72
CA SER D 120 -12.23 -16.08 -25.02
C SER D 120 -11.20 -15.96 -23.90
N THR D 121 -10.03 -16.55 -24.11
CA THR D 121 -8.92 -16.52 -23.16
C THR D 121 -7.95 -15.44 -23.66
N THR D 122 -7.19 -14.80 -22.78
CA THR D 122 -6.29 -13.76 -23.22
C THR D 122 -5.07 -13.49 -22.35
N GLY D 123 -4.11 -12.74 -22.91
CA GLY D 123 -2.90 -12.41 -22.20
C GLY D 123 -2.97 -11.07 -21.48
N TYR D 124 -3.76 -10.13 -22.01
CA TYR D 124 -3.91 -8.80 -21.40
C TYR D 124 -4.56 -8.89 -20.02
N THR D 125 -4.37 -7.83 -19.24
CA THR D 125 -4.93 -7.74 -17.89
C THR D 125 -6.41 -7.39 -17.98
N ARG D 126 -7.09 -7.30 -16.85
CA ARG D 126 -8.51 -6.99 -16.88
C ARG D 126 -8.61 -5.53 -17.24
N GLU D 127 -7.77 -4.72 -16.62
CA GLU D 127 -7.76 -3.29 -16.90
C GLU D 127 -7.56 -3.05 -18.39
N MET D 128 -6.69 -3.83 -19.01
CA MET D 128 -6.43 -3.68 -20.43
C MET D 128 -7.64 -4.06 -21.28
N MET D 129 -8.12 -5.30 -21.16
CA MET D 129 -9.26 -5.78 -21.95
C MET D 129 -10.43 -4.82 -21.99
N ASP D 130 -10.75 -4.21 -20.85
CA ASP D 130 -11.84 -3.24 -20.75
C ASP D 130 -11.84 -2.43 -22.04
N ILE D 131 -10.66 -1.92 -22.38
CA ILE D 131 -10.43 -1.13 -23.56
C ILE D 131 -10.62 -1.94 -24.82
N VAL D 132 -9.67 -2.82 -25.07
CA VAL D 132 -9.71 -3.67 -26.24
C VAL D 132 -11.09 -4.27 -26.55
N ALA D 133 -11.89 -4.55 -25.53
CA ALA D 133 -13.19 -5.13 -25.77
C ALA D 133 -14.21 -4.11 -26.31
N LYS D 134 -14.27 -2.95 -25.69
CA LYS D 134 -15.22 -1.92 -26.10
C LYS D 134 -15.08 -1.66 -27.59
N GLU D 135 -13.90 -1.23 -28.00
CA GLU D 135 -13.63 -0.93 -29.40
C GLU D 135 -13.78 -2.15 -30.29
N ALA D 136 -13.35 -3.30 -29.80
CA ALA D 136 -13.45 -4.53 -30.57
C ALA D 136 -14.92 -4.86 -30.77
N ALA D 137 -15.74 -4.45 -29.81
CA ALA D 137 -17.16 -4.68 -29.89
C ALA D 137 -17.72 -3.67 -30.87
N LEU D 138 -17.24 -2.43 -30.73
CA LEU D 138 -17.68 -1.35 -31.59
C LEU D 138 -17.42 -1.67 -33.05
N GLN D 139 -16.47 -2.57 -33.31
CA GLN D 139 -16.15 -2.93 -34.69
C GLN D 139 -16.71 -4.30 -35.01
N GLY D 140 -17.64 -4.75 -34.17
CA GLY D 140 -18.27 -6.04 -34.39
C GLY D 140 -17.45 -7.25 -34.03
N TYR D 141 -17.72 -7.80 -32.85
CA TYR D 141 -17.04 -8.98 -32.33
C TYR D 141 -17.20 -8.91 -30.81
N LYS D 142 -18.10 -9.73 -30.29
CA LYS D 142 -18.35 -9.76 -28.85
C LYS D 142 -18.54 -11.22 -28.42
N PRO D 143 -17.43 -11.93 -28.17
CA PRO D 143 -17.58 -13.32 -27.76
C PRO D 143 -18.53 -13.43 -26.59
N ASP D 144 -19.14 -14.60 -26.45
CA ASP D 144 -20.11 -14.89 -25.40
C ASP D 144 -19.56 -14.80 -23.98
N PHE D 145 -18.25 -14.72 -23.85
CA PHE D 145 -17.67 -14.63 -22.53
C PHE D 145 -16.19 -14.31 -22.63
N LEU D 146 -15.66 -13.67 -21.60
CA LEU D 146 -14.25 -13.31 -21.59
C LEU D 146 -13.58 -13.59 -20.26
N VAL D 147 -12.41 -14.22 -20.31
CA VAL D 147 -11.65 -14.57 -19.11
C VAL D 147 -10.31 -13.84 -19.16
N THR D 148 -9.71 -13.63 -17.99
CA THR D 148 -8.43 -12.96 -17.90
C THR D 148 -7.62 -13.56 -16.76
N PRO D 149 -6.29 -13.44 -16.82
CA PRO D 149 -5.47 -14.00 -15.74
C PRO D 149 -5.83 -13.48 -14.36
N ASP D 150 -6.80 -12.58 -14.27
CA ASP D 150 -7.20 -12.03 -12.97
C ASP D 150 -8.26 -12.91 -12.35
N ASP D 151 -9.15 -13.40 -13.20
CA ASP D 151 -10.26 -14.23 -12.80
C ASP D 151 -9.78 -15.56 -12.22
N VAL D 152 -8.61 -16.01 -12.62
CA VAL D 152 -8.07 -17.28 -12.14
C VAL D 152 -6.76 -17.16 -11.37
N PRO D 153 -6.37 -18.24 -10.67
CA PRO D 153 -5.13 -18.18 -9.90
C PRO D 153 -3.86 -18.05 -10.72
N ALA D 154 -3.85 -18.57 -11.93
CA ALA D 154 -2.62 -18.49 -12.70
C ALA D 154 -2.71 -18.01 -14.14
N GLY D 155 -1.55 -17.66 -14.67
CA GLY D 155 -1.43 -17.17 -16.03
C GLY D 155 -2.11 -17.99 -17.11
N ARG D 156 -1.40 -18.22 -18.23
CA ARG D 156 -1.96 -18.95 -19.35
C ARG D 156 -1.49 -20.36 -19.64
N PRO D 157 -0.19 -20.67 -19.48
CA PRO D 157 0.14 -22.06 -19.80
C PRO D 157 -0.83 -23.04 -19.13
N TYR D 158 -1.43 -22.62 -18.02
CA TYR D 158 -2.40 -23.42 -17.26
C TYR D 158 -3.77 -23.36 -17.91
N PRO D 159 -4.56 -24.43 -17.81
CA PRO D 159 -5.90 -24.44 -18.40
C PRO D 159 -6.90 -23.52 -17.73
N TRP D 160 -6.63 -23.24 -16.46
CA TRP D 160 -7.47 -22.40 -15.60
C TRP D 160 -8.40 -21.41 -16.31
N MET D 161 -7.88 -20.55 -17.15
CA MET D 161 -8.78 -19.65 -17.84
C MET D 161 -9.81 -20.44 -18.66
N CYS D 162 -9.36 -21.49 -19.34
CA CYS D 162 -10.27 -22.30 -20.14
C CYS D 162 -11.39 -22.88 -19.29
N TYR D 163 -11.07 -23.47 -18.15
CA TYR D 163 -12.09 -24.04 -17.29
C TYR D 163 -13.21 -23.05 -16.99
N LYS D 164 -12.84 -21.80 -16.68
CA LYS D 164 -13.85 -20.80 -16.37
C LYS D 164 -14.74 -20.53 -17.58
N ASN D 165 -14.24 -20.74 -18.79
CA ASN D 165 -15.07 -20.51 -19.98
C ASN D 165 -16.07 -21.62 -20.04
N ALA D 166 -15.60 -22.85 -19.90
CA ALA D 166 -16.44 -24.03 -19.93
C ALA D 166 -17.53 -23.95 -18.85
N MET D 167 -17.10 -23.56 -17.66
CA MET D 167 -18.00 -23.44 -16.54
C MET D 167 -19.06 -22.42 -16.90
N GLU D 168 -18.64 -21.32 -17.50
CA GLU D 168 -19.59 -20.26 -17.87
C GLU D 168 -20.49 -20.55 -19.05
N LEU D 169 -19.94 -21.10 -20.13
CA LEU D 169 -20.73 -21.43 -21.32
C LEU D 169 -21.71 -22.56 -20.99
N GLY D 170 -21.25 -23.47 -20.12
CA GLY D 170 -22.08 -24.59 -19.70
C GLY D 170 -21.85 -25.89 -20.44
N VAL D 171 -20.65 -26.09 -20.98
CA VAL D 171 -20.31 -27.30 -21.71
C VAL D 171 -19.56 -28.28 -20.80
N TYR D 172 -20.08 -29.50 -20.60
CA TYR D 172 -19.41 -30.45 -19.69
C TYR D 172 -18.07 -31.00 -20.17
N PRO D 173 -18.11 -32.13 -20.92
CA PRO D 173 -16.92 -32.82 -21.44
C PRO D 173 -15.89 -31.90 -22.03
N MET D 174 -14.73 -31.88 -21.40
CA MET D 174 -13.68 -31.01 -21.90
C MET D 174 -13.38 -31.24 -23.37
N ASN D 175 -13.48 -32.49 -23.82
CA ASN D 175 -13.20 -32.82 -25.22
C ASN D 175 -14.33 -32.44 -26.19
N HIS D 176 -15.21 -31.52 -25.77
CA HIS D 176 -16.29 -31.07 -26.64
C HIS D 176 -15.99 -29.61 -26.89
N MET D 177 -14.71 -29.25 -26.84
CA MET D 177 -14.31 -27.86 -27.05
C MET D 177 -13.10 -27.68 -27.93
N ILE D 178 -13.19 -26.72 -28.85
CA ILE D 178 -12.10 -26.42 -29.76
C ILE D 178 -11.41 -25.18 -29.22
N LYS D 179 -10.10 -25.17 -29.26
CA LYS D 179 -9.34 -24.03 -28.76
C LYS D 179 -8.55 -23.46 -29.93
N VAL D 180 -8.96 -22.31 -30.45
CA VAL D 180 -8.23 -21.70 -31.57
C VAL D 180 -7.29 -20.63 -31.05
N GLY D 181 -6.02 -20.73 -31.44
CA GLY D 181 -5.05 -19.75 -30.98
C GLY D 181 -3.90 -19.52 -31.95
N ASP D 182 -3.11 -18.47 -31.72
CA ASP D 182 -2.01 -18.19 -32.62
C ASP D 182 -0.61 -18.19 -32.03
N THR D 183 -0.43 -18.76 -30.85
CA THR D 183 0.91 -18.83 -30.26
C THR D 183 1.21 -20.18 -29.67
N VAL D 184 2.46 -20.40 -29.30
CA VAL D 184 2.86 -21.64 -28.69
C VAL D 184 2.10 -21.78 -27.35
N SER D 185 2.07 -20.69 -26.59
CA SER D 185 1.38 -20.66 -25.30
C SER D 185 -0.01 -21.28 -25.38
N ASP D 186 -0.77 -20.85 -26.38
CA ASP D 186 -2.13 -21.33 -26.57
C ASP D 186 -2.19 -22.83 -26.81
N MET D 187 -1.29 -23.33 -27.65
CA MET D 187 -1.22 -24.74 -27.94
C MET D 187 -1.26 -25.51 -26.63
N LYS D 188 -0.30 -25.24 -25.77
CA LYS D 188 -0.21 -25.89 -24.47
C LYS D 188 -1.52 -25.72 -23.71
N GLU D 189 -1.91 -24.46 -23.52
CA GLU D 189 -3.15 -24.13 -22.81
C GLU D 189 -4.28 -25.01 -23.31
N GLY D 190 -4.35 -25.22 -24.62
CA GLY D 190 -5.40 -26.04 -25.18
C GLY D 190 -5.21 -27.51 -24.83
N ARG D 191 -3.99 -27.99 -24.99
CA ARG D 191 -3.68 -29.37 -24.69
C ARG D 191 -3.82 -29.68 -23.20
N ASN D 192 -3.30 -28.79 -22.36
CA ASN D 192 -3.38 -28.96 -20.91
C ASN D 192 -4.83 -28.94 -20.46
N ALA D 193 -5.66 -28.23 -21.22
CA ALA D 193 -7.09 -28.12 -20.90
C ALA D 193 -7.82 -29.37 -21.33
N GLY D 194 -7.20 -30.14 -22.21
CA GLY D 194 -7.83 -31.36 -22.69
C GLY D 194 -8.82 -31.08 -23.79
N MET D 195 -8.52 -30.07 -24.60
CA MET D 195 -9.39 -29.68 -25.70
C MET D 195 -8.71 -29.90 -27.06
N TRP D 196 -9.51 -29.80 -28.11
CA TRP D 196 -9.00 -29.94 -29.47
C TRP D 196 -8.29 -28.62 -29.78
N THR D 197 -6.99 -28.71 -30.03
CA THR D 197 -6.21 -27.51 -30.27
C THR D 197 -5.91 -27.16 -31.73
N VAL D 198 -6.59 -26.13 -32.24
CA VAL D 198 -6.39 -25.65 -33.60
C VAL D 198 -5.50 -24.41 -33.51
N GLY D 199 -4.61 -24.21 -34.48
CA GLY D 199 -3.75 -23.05 -34.41
C GLY D 199 -3.57 -22.26 -35.69
N VAL D 200 -4.26 -21.12 -35.80
CA VAL D 200 -4.19 -20.25 -36.98
C VAL D 200 -2.76 -19.78 -37.25
N ILE D 201 -2.42 -19.55 -38.52
CA ILE D 201 -1.07 -19.11 -38.88
C ILE D 201 -0.94 -17.68 -39.44
N LEU D 202 -1.70 -17.36 -40.49
CA LEU D 202 -1.61 -16.03 -41.08
C LEU D 202 -2.32 -14.98 -40.24
N GLY D 203 -1.53 -14.12 -39.61
CA GLY D 203 -2.08 -13.08 -38.77
C GLY D 203 -1.54 -13.37 -37.38
N SER D 204 -1.10 -14.61 -37.19
CA SER D 204 -0.56 -15.07 -35.92
C SER D 204 0.61 -14.19 -35.50
N SER D 205 1.16 -14.52 -34.34
CA SER D 205 2.30 -13.82 -33.80
C SER D 205 3.51 -14.61 -34.30
N GLU D 206 3.33 -15.93 -34.33
CA GLU D 206 4.34 -16.87 -34.79
C GLU D 206 4.96 -16.40 -36.08
N LEU D 207 4.13 -16.32 -37.12
CA LEU D 207 4.59 -15.87 -38.42
C LEU D 207 5.09 -14.44 -38.20
N GLY D 208 4.30 -13.67 -37.46
CA GLY D 208 4.67 -12.29 -37.18
C GLY D 208 4.82 -11.41 -38.40
N LEU D 209 3.73 -11.19 -39.11
CA LEU D 209 3.79 -10.34 -40.28
C LEU D 209 2.51 -9.54 -40.42
N THR D 210 2.65 -8.35 -41.01
CA THR D 210 1.55 -7.42 -41.23
C THR D 210 0.78 -7.84 -42.48
N GLU D 211 0.78 -6.96 -43.45
CA GLU D 211 0.08 -7.22 -44.70
C GLU D 211 0.88 -6.71 -45.89
N GLU D 212 1.08 -5.42 -45.95
CA GLU D 212 1.79 -4.87 -47.08
C GLU D 212 3.15 -5.64 -47.28
N GLU D 213 3.27 -6.84 -46.62
CA GLU D 213 4.49 -7.76 -46.69
C GLU D 213 4.12 -9.29 -46.50
N VAL D 214 2.84 -9.58 -46.74
CA VAL D 214 2.26 -10.95 -46.63
C VAL D 214 1.51 -11.28 -47.92
N GLU D 215 0.78 -10.33 -48.42
CA GLU D 215 0.15 -10.51 -49.72
C GLU D 215 0.50 -9.27 -50.53
N ASN D 216 1.83 -9.25 -50.52
CA ASN D 216 2.79 -8.34 -51.16
C ASN D 216 4.19 -8.93 -50.83
N MET D 217 4.25 -10.27 -50.88
CA MET D 217 5.46 -11.09 -50.55
C MET D 217 5.59 -12.33 -51.49
N ASP D 218 6.82 -12.55 -51.96
CA ASP D 218 7.18 -13.65 -52.90
C ASP D 218 6.70 -15.00 -52.35
N SER D 219 5.69 -15.47 -53.07
CA SER D 219 4.96 -16.72 -52.79
C SER D 219 5.86 -17.86 -52.31
N VAL D 220 6.86 -18.16 -53.09
CA VAL D 220 7.72 -19.30 -52.76
C VAL D 220 8.50 -19.06 -51.49
N GLU D 221 8.14 -18.02 -50.80
CA GLU D 221 8.82 -17.70 -49.57
C GLU D 221 7.86 -17.83 -48.41
N LEU D 222 6.84 -17.03 -48.50
CA LEU D 222 5.80 -17.00 -47.48
C LEU D 222 5.33 -18.43 -47.18
N ARG D 223 5.21 -19.21 -48.24
CA ARG D 223 4.79 -20.62 -48.15
C ARG D 223 5.80 -21.39 -47.29
N GLU D 224 7.07 -21.03 -47.43
CA GLU D 224 8.17 -21.66 -46.71
C GLU D 224 8.12 -21.24 -45.25
N LYS D 225 7.58 -20.05 -45.00
CA LYS D 225 7.46 -19.53 -43.63
C LYS D 225 6.24 -20.14 -42.95
N ILE D 226 5.12 -20.15 -43.64
CA ILE D 226 3.90 -20.74 -43.09
C ILE D 226 4.30 -22.11 -42.58
N GLU D 227 5.07 -22.80 -43.41
CA GLU D 227 5.57 -24.13 -43.13
C GLU D 227 6.45 -24.19 -41.89
N VAL D 228 6.96 -23.06 -41.44
CA VAL D 228 7.80 -23.06 -40.25
C VAL D 228 6.95 -22.84 -39.02
N VAL D 229 5.90 -22.03 -39.18
CA VAL D 229 4.97 -21.71 -38.11
C VAL D 229 4.08 -22.92 -37.82
N ARG D 230 3.73 -23.64 -38.88
CA ARG D 230 2.87 -24.83 -38.84
C ARG D 230 3.49 -25.94 -37.99
N ASN D 231 4.77 -26.21 -38.21
CA ASN D 231 5.45 -27.24 -37.46
C ASN D 231 5.50 -26.88 -35.99
N ARG D 232 5.89 -25.64 -35.69
CA ARG D 232 5.99 -25.19 -34.30
C ARG D 232 4.71 -25.51 -33.53
N PHE D 233 3.57 -25.20 -34.14
CA PHE D 233 2.28 -25.46 -33.51
C PHE D 233 2.05 -26.94 -33.29
N VAL D 234 2.36 -27.74 -34.30
CA VAL D 234 2.16 -29.17 -34.21
C VAL D 234 3.07 -29.82 -33.19
N GLU D 235 4.34 -29.44 -33.25
CA GLU D 235 5.33 -29.95 -32.32
C GLU D 235 5.35 -28.97 -31.15
N ASN D 236 4.23 -28.96 -30.43
CA ASN D 236 4.00 -28.10 -29.27
C ASN D 236 2.56 -28.30 -28.82
N GLY D 237 1.96 -29.39 -29.30
CA GLY D 237 0.58 -29.67 -28.96
C GLY D 237 -0.25 -28.81 -29.89
N ALA D 238 -0.99 -29.46 -30.77
CA ALA D 238 -1.84 -28.77 -31.74
C ALA D 238 -2.25 -29.93 -32.59
N HIS D 239 -3.55 -30.06 -32.79
CA HIS D 239 -4.07 -31.19 -33.53
C HIS D 239 -4.35 -30.78 -34.96
N PHE D 240 -4.33 -29.49 -35.22
CA PHE D 240 -4.59 -29.02 -36.56
C PHE D 240 -4.08 -27.63 -36.77
N THR D 241 -3.54 -27.37 -37.95
CA THR D 241 -3.07 -26.04 -38.25
C THR D 241 -4.03 -25.47 -39.29
N ILE D 242 -4.10 -24.15 -39.38
CA ILE D 242 -4.98 -23.51 -40.32
C ILE D 242 -4.28 -22.27 -40.87
N GLU D 243 -4.64 -21.85 -42.07
CA GLU D 243 -4.01 -20.67 -42.62
C GLU D 243 -4.91 -19.45 -42.37
N THR D 244 -6.11 -19.72 -41.86
CA THR D 244 -7.08 -18.68 -41.53
C THR D 244 -8.44 -19.25 -41.12
N MET D 245 -9.13 -18.48 -40.30
CA MET D 245 -10.44 -18.87 -39.78
C MET D 245 -11.42 -19.48 -40.76
N GLN D 246 -11.28 -19.20 -42.04
CA GLN D 246 -12.21 -19.77 -43.02
C GLN D 246 -12.14 -21.29 -42.99
N GLU D 247 -10.95 -21.81 -42.76
CA GLU D 247 -10.73 -23.26 -42.74
C GLU D 247 -11.09 -23.93 -41.42
N LEU D 248 -11.50 -23.16 -40.43
CA LEU D 248 -11.83 -23.71 -39.12
C LEU D 248 -12.94 -24.76 -39.13
N GLU D 249 -14.15 -24.36 -39.50
CA GLU D 249 -15.28 -25.29 -39.53
C GLU D 249 -14.86 -26.68 -39.99
N SER D 250 -14.34 -26.74 -41.21
CA SER D 250 -13.88 -27.97 -41.82
C SER D 250 -13.10 -28.84 -40.83
N VAL D 251 -12.33 -28.21 -39.94
CA VAL D 251 -11.57 -28.95 -38.95
C VAL D 251 -12.54 -29.58 -37.98
N MET D 252 -13.50 -28.79 -37.51
CA MET D 252 -14.49 -29.33 -36.59
C MET D 252 -15.11 -30.55 -37.27
N GLU D 253 -15.53 -30.35 -38.51
CA GLU D 253 -16.14 -31.39 -39.32
C GLU D 253 -15.38 -32.70 -39.18
N HIS D 254 -14.07 -32.62 -39.41
CA HIS D 254 -13.18 -33.76 -39.35
C HIS D 254 -13.03 -34.39 -37.97
N ILE D 255 -13.43 -33.66 -36.92
CA ILE D 255 -13.32 -34.21 -35.57
C ILE D 255 -14.52 -35.12 -35.31
N GLU D 256 -14.66 -36.09 -36.21
CA GLU D 256 -15.71 -37.12 -36.19
C GLU D 256 -15.11 -38.41 -36.81
#